data_7FHA
#
_entry.id   7FHA
#
_cell.length_a   62.111
_cell.length_b   131.105
_cell.length_c   135.940
_cell.angle_alpha   90.000
_cell.angle_beta   90.000
_cell.angle_gamma   90.000
#
_symmetry.space_group_name_H-M   'P 21 21 21'
#
loop_
_entity.id
_entity.type
_entity.pdbx_description
1 polymer "Bifunctional 3'-phosphoadenosine 5'-phosphosulfate synthase 2"
2 non-polymer "ADENOSINE-5'-PHOSPHOSULFATE"
3 non-polymer beta-D-glucopyranose
4 non-polymer 'POTASSIUM ION'
5 non-polymer 'SULFATE ION'
6 water water
#
_entity_poly.entity_id   1
_entity_poly.type   'polypeptide(L)'
_entity_poly.pdbx_seq_one_letter_code
;SDIHELFVPENKLDHVRAEAETLPSLSITKLDLQWVQVLSEGWATPLKGFMREKEYLQVMHFDTLLDDGVINMSIPIVLP
VSAEDKTRLEGCSKFVLAHGGRRVAILRDAEFYEHRKEERCSRVWGTTCTKHPHIKMVMESGDWLVGGDLQVLEKIRWND
GLDQYRLTPLELKQKCKEMNADAVFAFQLRNPVHNGHALLMQDTRRRLLERGYKHPVLLLHPLGGWTKDDDVPLDWRMKQ
HAAVLEEGVLDPKSTIVAIFPSPMLYAGPTEVQWHCRSRMIAGANFYIVGRDPAGMPHPETKKDLYEPTHGGKVLSMAPG
LTSVEIIPFRVAAYNKAKKAMDFYDPARHNEFDFISGTRMRKLAREGENPPDGFMAPKAWKVLTDYYRSLEKN
;
_entity_poly.pdbx_strand_id   A,B
#
# COMPACT_ATOMS: atom_id res chain seq x y z
N ASP A 2 -6.79 24.86 4.05
CA ASP A 2 -8.23 24.94 4.24
C ASP A 2 -8.78 23.72 4.97
N ILE A 3 -10.04 23.85 5.39
CA ILE A 3 -10.74 22.82 6.16
C ILE A 3 -12.11 22.67 5.54
N HIS A 4 -12.53 21.44 5.29
CA HIS A 4 -13.82 21.19 4.64
C HIS A 4 -14.74 20.50 5.65
N GLU A 5 -15.48 21.30 6.42
CA GLU A 5 -16.51 20.75 7.29
C GLU A 5 -17.73 20.33 6.46
N LEU A 6 -18.50 19.39 7.02
CA LEU A 6 -19.63 18.80 6.31
C LEU A 6 -20.97 19.13 6.96
N PHE A 7 -21.03 20.20 7.76
CA PHE A 7 -22.26 20.53 8.47
C PHE A 7 -23.23 21.30 7.59
N VAL A 8 -24.51 21.07 7.82
CA VAL A 8 -25.56 21.85 7.18
C VAL A 8 -25.49 23.29 7.69
N PRO A 9 -25.51 24.30 6.82
CA PRO A 9 -25.54 25.68 7.30
C PRO A 9 -26.77 25.94 8.15
N GLU A 10 -26.58 26.68 9.24
CA GLU A 10 -27.66 26.90 10.19
C GLU A 10 -28.89 27.50 9.53
N ASN A 11 -28.70 28.22 8.42
CA ASN A 11 -29.82 28.85 7.73
C ASN A 11 -30.62 27.87 6.89
N LYS A 12 -30.04 26.72 6.51
CA LYS A 12 -30.75 25.70 5.73
C LYS A 12 -31.11 24.48 6.56
N LEU A 13 -30.93 24.53 7.88
CA LEU A 13 -31.11 23.32 8.68
C LEU A 13 -32.54 22.83 8.64
N ASP A 14 -33.50 23.73 8.83
CA ASP A 14 -34.90 23.33 8.93
C ASP A 14 -35.36 22.60 7.68
N HIS A 15 -35.03 23.14 6.50
CA HIS A 15 -35.29 22.41 5.25
C HIS A 15 -34.70 21.01 5.32
N VAL A 16 -33.39 20.93 5.59
CA VAL A 16 -32.70 19.64 5.51
C VAL A 16 -33.27 18.66 6.51
N ARG A 17 -33.40 19.07 7.78
CA ARG A 17 -34.08 18.25 8.78
C ARG A 17 -35.39 17.71 8.23
N ALA A 18 -36.21 18.60 7.66
CA ALA A 18 -37.49 18.16 7.10
C ALA A 18 -37.28 17.04 6.09
N GLU A 19 -36.40 17.27 5.11
CA GLU A 19 -36.08 16.23 4.14
C GLU A 19 -35.64 14.95 4.84
N ALA A 20 -34.77 15.08 5.84
CA ALA A 20 -34.26 13.91 6.53
C ALA A 20 -35.39 13.10 7.17
N GLU A 21 -36.47 13.78 7.58
CA GLU A 21 -37.57 13.07 8.23
C GLU A 21 -38.24 12.07 7.30
N THR A 22 -38.15 12.28 5.99
CA THR A 22 -38.93 11.52 5.03
C THR A 22 -38.10 10.51 4.24
N LEU A 23 -36.82 10.44 4.46
CA LEU A 23 -35.97 9.58 3.64
C LEU A 23 -35.88 8.18 4.23
N PRO A 24 -35.53 7.18 3.43
CA PRO A 24 -35.14 5.90 4.00
C PRO A 24 -33.97 6.10 4.96
N SER A 25 -33.79 5.16 5.86
CA SER A 25 -32.86 5.33 6.96
C SER A 25 -31.95 4.12 7.07
N LEU A 26 -30.69 4.37 7.37
CA LEU A 26 -29.69 3.34 7.62
C LEU A 26 -29.16 3.51 9.03
N SER A 27 -29.30 2.48 9.85
CA SER A 27 -28.78 2.51 11.22
C SER A 27 -27.29 2.24 11.21
N ILE A 28 -26.51 3.08 11.87
CA ILE A 28 -25.07 2.95 11.91
C ILE A 28 -24.63 2.67 13.35
N THR A 29 -23.44 2.10 13.48
CA THR A 29 -22.91 1.75 14.79
C THR A 29 -22.27 2.97 15.46
N LYS A 30 -21.92 2.81 16.74
CA LYS A 30 -21.20 3.87 17.44
C LYS A 30 -19.85 4.15 16.78
N LEU A 31 -19.17 3.10 16.32
CA LEU A 31 -17.90 3.29 15.62
C LEU A 31 -18.10 4.11 14.34
N ASP A 32 -19.11 3.74 13.55
CA ASP A 32 -19.48 4.54 12.38
C ASP A 32 -19.73 5.99 12.76
N LEU A 33 -20.42 6.21 13.88
CA LEU A 33 -20.75 7.57 14.28
C LEU A 33 -19.49 8.36 14.66
N GLN A 34 -18.51 7.68 15.25
CA GLN A 34 -17.24 8.35 15.49
C GLN A 34 -16.57 8.73 14.18
N TRP A 35 -16.69 7.87 13.15
CA TRP A 35 -16.16 8.27 11.84
C TRP A 35 -16.97 9.42 11.24
N VAL A 36 -18.29 9.46 11.48
CA VAL A 36 -19.06 10.62 11.04
C VAL A 36 -18.53 11.88 11.70
N GLN A 37 -18.24 11.82 13.00
CA GLN A 37 -17.66 13.00 13.65
C GLN A 37 -16.35 13.40 12.98
N VAL A 38 -15.45 12.42 12.74
CA VAL A 38 -14.19 12.72 12.08
C VAL A 38 -14.42 13.44 10.76
N LEU A 39 -15.31 12.89 9.93
CA LEU A 39 -15.55 13.48 8.61
C LEU A 39 -16.18 14.86 8.73
N SER A 40 -17.15 15.00 9.63
CA SER A 40 -17.96 16.22 9.68
C SER A 40 -17.11 17.44 10.02
N GLU A 41 -16.05 17.26 10.79
CA GLU A 41 -15.26 18.36 11.30
C GLU A 41 -14.08 18.71 10.40
N GLY A 42 -13.85 17.96 9.32
CA GLY A 42 -12.80 18.31 8.38
C GLY A 42 -11.47 17.65 8.62
N TRP A 43 -11.38 16.70 9.55
CA TRP A 43 -10.10 16.04 9.81
C TRP A 43 -9.57 15.32 8.57
N ALA A 44 -10.47 14.85 7.71
CA ALA A 44 -10.11 14.14 6.49
C ALA A 44 -10.35 15.01 5.24
N THR A 45 -10.16 16.33 5.38
CA THR A 45 -10.21 17.25 4.25
C THR A 45 -9.26 16.72 3.17
N PRO A 46 -9.70 16.72 1.89
CA PRO A 46 -10.93 17.29 1.35
C PRO A 46 -12.10 16.33 1.10
N LEU A 47 -12.17 15.20 1.82
CA LEU A 47 -13.27 14.27 1.60
C LEU A 47 -14.62 14.95 1.79
N LYS A 48 -15.57 14.61 0.93
CA LYS A 48 -16.93 15.10 1.02
C LYS A 48 -17.85 14.18 1.80
N GLY A 49 -17.34 13.03 2.24
CA GLY A 49 -18.17 12.06 2.93
C GLY A 49 -17.41 10.76 3.09
N PHE A 50 -18.16 9.69 3.36
CA PHE A 50 -17.55 8.36 3.37
C PHE A 50 -16.98 8.05 1.99
N MET A 51 -15.84 7.36 1.98
CA MET A 51 -15.06 7.23 0.75
C MET A 51 -15.81 6.46 -0.32
N ARG A 52 -15.85 7.02 -1.53
CA ARG A 52 -16.22 6.26 -2.70
C ARG A 52 -15.11 5.29 -3.06
N GLU A 53 -15.42 4.36 -3.95
CA GLU A 53 -14.47 3.31 -4.29
C GLU A 53 -13.16 3.88 -4.82
N LYS A 54 -13.24 4.93 -5.64
CA LYS A 54 -12.02 5.51 -6.21
C LYS A 54 -11.11 6.06 -5.12
N GLU A 55 -11.69 6.77 -4.14
CA GLU A 55 -10.89 7.31 -3.03
C GLU A 55 -10.33 6.19 -2.17
N TYR A 56 -11.15 5.18 -1.89
CA TYR A 56 -10.73 3.99 -1.16
C TYR A 56 -9.52 3.34 -1.81
N LEU A 57 -9.54 3.20 -3.13
CA LEU A 57 -8.42 2.61 -3.86
C LEU A 57 -7.17 3.48 -3.78
N GLN A 58 -7.34 4.80 -3.96
CA GLN A 58 -6.20 5.71 -3.82
C GLN A 58 -5.55 5.55 -2.45
N VAL A 59 -6.36 5.52 -1.40
CA VAL A 59 -5.82 5.45 -0.05
C VAL A 59 -5.11 4.13 0.20
N MET A 60 -5.73 3.02 -0.22
CA MET A 60 -5.14 1.71 0.03
C MET A 60 -3.83 1.51 -0.73
N HIS A 61 -3.75 2.02 -1.96
CA HIS A 61 -2.58 1.72 -2.77
C HIS A 61 -1.49 2.78 -2.70
N PHE A 62 -1.83 4.04 -2.46
CA PHE A 62 -0.85 5.11 -2.52
C PHE A 62 -0.70 5.91 -1.23
N ASP A 63 -1.57 5.71 -0.25
CA ASP A 63 -1.59 6.49 0.99
C ASP A 63 -1.78 7.97 0.74
N THR A 64 -2.40 8.35 -0.38
CA THR A 64 -2.65 9.74 -0.72
C THR A 64 -3.98 9.84 -1.46
N LEU A 65 -4.70 10.93 -1.21
CA LEU A 65 -5.79 11.33 -2.11
C LEU A 65 -5.20 12.19 -3.22
N LEU A 66 -5.73 12.03 -4.42
CA LEU A 66 -5.04 12.50 -5.62
C LEU A 66 -5.79 13.57 -6.40
N ASP A 67 -7.12 13.63 -6.30
CA ASP A 67 -7.90 14.33 -7.31
C ASP A 67 -7.70 15.84 -7.25
N ASP A 68 -7.65 16.42 -6.05
CA ASP A 68 -7.46 17.85 -5.88
C ASP A 68 -6.02 18.20 -5.51
N GLY A 69 -5.05 17.48 -6.09
CA GLY A 69 -3.68 17.54 -5.64
C GLY A 69 -3.36 16.43 -4.66
N VAL A 70 -2.07 16.21 -4.44
CA VAL A 70 -1.61 15.12 -3.59
C VAL A 70 -1.68 15.55 -2.14
N ILE A 71 -2.48 14.84 -1.35
CA ILE A 71 -2.51 15.06 0.10
C ILE A 71 -2.52 13.70 0.78
N ASN A 72 -1.77 13.59 1.87
CA ASN A 72 -1.64 12.32 2.56
C ASN A 72 -2.99 11.86 3.09
N MET A 73 -3.28 10.58 2.88
CA MET A 73 -4.48 9.96 3.44
C MET A 73 -4.26 8.45 3.35
N SER A 74 -4.01 7.83 4.49
CA SER A 74 -3.49 6.47 4.53
C SER A 74 -4.44 5.45 5.12
N ILE A 75 -5.59 5.87 5.64
CA ILE A 75 -6.56 4.92 6.18
C ILE A 75 -7.89 5.11 5.48
N PRO A 76 -8.64 4.05 5.22
CA PRO A 76 -9.99 4.23 4.70
C PRO A 76 -10.92 4.73 5.79
N ILE A 77 -11.81 5.63 5.40
CA ILE A 77 -12.93 6.02 6.24
C ILE A 77 -14.17 5.64 5.44
N VAL A 78 -14.75 4.49 5.79
CA VAL A 78 -15.80 3.88 4.97
C VAL A 78 -16.93 3.43 5.88
N LEU A 79 -18.09 3.22 5.26
CA LEU A 79 -19.31 2.85 5.99
C LEU A 79 -19.75 1.46 5.56
N PRO A 80 -19.57 0.44 6.39
CA PRO A 80 -20.02 -0.91 6.02
C PRO A 80 -21.52 -1.06 6.18
N VAL A 81 -22.08 -1.89 5.30
CA VAL A 81 -23.52 -2.07 5.14
C VAL A 81 -23.78 -3.56 4.93
N SER A 82 -24.80 -4.08 5.60
CA SER A 82 -25.18 -5.47 5.46
C SER A 82 -25.73 -5.73 4.07
N ALA A 83 -25.63 -6.99 3.64
CA ALA A 83 -26.23 -7.38 2.36
C ALA A 83 -27.71 -7.04 2.32
N GLU A 84 -28.41 -7.29 3.43
CA GLU A 84 -29.84 -6.98 3.49
C GLU A 84 -30.11 -5.49 3.34
N ASP A 85 -29.33 -4.65 4.02
CA ASP A 85 -29.53 -3.21 3.89
C ASP A 85 -29.10 -2.70 2.53
N LYS A 86 -28.08 -3.31 1.93
CA LYS A 86 -27.67 -2.91 0.59
C LYS A 86 -28.78 -3.20 -0.42
N THR A 87 -29.33 -4.42 -0.39
CA THR A 87 -30.47 -4.73 -1.24
C THR A 87 -31.63 -3.77 -0.98
N ARG A 88 -31.84 -3.40 0.29
CA ARG A 88 -32.94 -2.48 0.59
C ARG A 88 -32.69 -1.08 0.03
N LEU A 89 -31.45 -0.62 0.01
CA LEU A 89 -31.17 0.77 -0.33
C LEU A 89 -30.51 0.99 -1.68
N GLU A 90 -30.13 -0.07 -2.41
CA GLU A 90 -29.37 0.14 -3.64
C GLU A 90 -30.17 0.89 -4.70
N GLY A 91 -31.49 0.88 -4.61
CA GLY A 91 -32.29 1.67 -5.53
C GLY A 91 -32.51 3.10 -5.06
N CYS A 92 -31.71 3.54 -4.09
CA CYS A 92 -31.85 4.85 -3.48
CA CYS A 92 -31.85 4.85 -3.46
C CYS A 92 -30.57 5.65 -3.68
N SER A 93 -30.71 6.86 -4.23
CA SER A 93 -29.54 7.70 -4.39
C SER A 93 -29.17 8.42 -3.11
N LYS A 94 -30.09 8.50 -2.14
CA LYS A 94 -29.94 9.35 -0.97
C LYS A 94 -30.68 8.72 0.20
N PHE A 95 -30.11 8.82 1.40
CA PHE A 95 -30.83 8.30 2.57
C PHE A 95 -30.18 8.84 3.83
N VAL A 96 -30.83 8.57 4.97
CA VAL A 96 -30.44 9.11 6.26
C VAL A 96 -29.59 8.09 7.01
N LEU A 97 -28.55 8.57 7.69
CA LEU A 97 -27.80 7.81 8.68
C LEU A 97 -28.34 8.17 10.06
N ALA A 98 -28.68 7.14 10.83
CA ALA A 98 -29.33 7.28 12.13
C ALA A 98 -28.58 6.46 13.17
N HIS A 99 -28.52 6.99 14.39
CA HIS A 99 -27.93 6.27 15.51
C HIS A 99 -28.65 6.67 16.79
N GLY A 100 -29.00 5.67 17.60
CA GLY A 100 -29.70 5.92 18.85
C GLY A 100 -30.97 6.72 18.66
N GLY A 101 -31.81 6.27 17.73
CA GLY A 101 -33.10 6.90 17.49
C GLY A 101 -33.03 8.30 16.92
N ARG A 102 -31.84 8.74 16.49
CA ARG A 102 -31.64 10.09 16.02
C ARG A 102 -31.09 10.10 14.61
N ARG A 103 -31.56 11.04 13.78
CA ARG A 103 -31.07 11.21 12.43
C ARG A 103 -29.84 12.12 12.47
N VAL A 104 -28.67 11.57 12.15
CA VAL A 104 -27.45 12.35 12.30
C VAL A 104 -27.00 12.91 10.96
N ALA A 105 -27.29 12.23 9.86
CA ALA A 105 -26.74 12.76 8.61
C ALA A 105 -27.57 12.30 7.42
N ILE A 106 -27.32 12.96 6.28
CA ILE A 106 -27.83 12.53 4.99
C ILE A 106 -26.65 12.13 4.11
N LEU A 107 -26.70 10.94 3.55
CA LEU A 107 -25.74 10.49 2.56
C LEU A 107 -26.39 10.62 1.18
N ARG A 108 -25.80 11.46 0.32
CA ARG A 108 -26.27 11.78 -1.01
C ARG A 108 -25.39 11.12 -2.07
N ASP A 109 -26.01 10.82 -3.22
CA ASP A 109 -25.34 10.23 -4.37
C ASP A 109 -24.55 9.00 -3.97
N ALA A 110 -25.21 8.12 -3.22
CA ALA A 110 -24.55 6.98 -2.62
C ALA A 110 -24.11 5.99 -3.68
N GLU A 111 -23.00 5.32 -3.42
CA GLU A 111 -22.53 4.23 -4.27
C GLU A 111 -22.11 3.08 -3.38
N PHE A 112 -22.66 1.90 -3.65
CA PHE A 112 -22.30 0.70 -2.93
C PHE A 112 -21.25 -0.06 -3.72
N TYR A 113 -20.23 -0.54 -3.02
CA TYR A 113 -19.23 -1.41 -3.63
C TYR A 113 -18.85 -2.48 -2.64
N GLU A 114 -18.24 -3.55 -3.15
CA GLU A 114 -17.97 -4.72 -2.33
C GLU A 114 -16.99 -4.41 -1.20
N HIS A 115 -17.29 -4.94 -0.02
CA HIS A 115 -16.37 -4.87 1.11
C HIS A 115 -15.49 -6.11 1.06
N ARG A 116 -14.31 -5.97 0.46
CA ARG A 116 -13.37 -7.07 0.37
C ARG A 116 -12.49 -7.01 1.62
N LYS A 117 -12.93 -7.70 2.68
CA LYS A 117 -12.39 -7.47 4.02
C LYS A 117 -10.97 -7.96 4.15
N GLU A 118 -10.66 -9.14 3.61
CA GLU A 118 -9.30 -9.67 3.72
C GLU A 118 -8.30 -8.71 3.11
N GLU A 119 -8.57 -8.21 1.90
CA GLU A 119 -7.66 -7.28 1.25
C GLU A 119 -7.53 -5.98 2.04
N ARG A 120 -8.66 -5.43 2.50
CA ARG A 120 -8.61 -4.19 3.29
C ARG A 120 -7.72 -4.35 4.52
N CYS A 121 -7.96 -5.40 5.30
CA CYS A 121 -7.17 -5.57 6.52
C CYS A 121 -5.71 -5.84 6.19
N SER A 122 -5.45 -6.64 5.15
CA SER A 122 -4.08 -6.90 4.73
C SER A 122 -3.34 -5.63 4.36
N ARG A 123 -3.98 -4.76 3.57
CA ARG A 123 -3.27 -3.58 3.10
C ARG A 123 -3.15 -2.49 4.16
N VAL A 124 -4.13 -2.38 5.07
CA VAL A 124 -4.09 -1.31 6.05
C VAL A 124 -3.22 -1.71 7.24
N TRP A 125 -3.40 -2.94 7.75
CA TRP A 125 -2.67 -3.39 8.94
C TRP A 125 -1.46 -4.25 8.63
N GLY A 126 -1.30 -4.73 7.40
CA GLY A 126 -0.23 -5.67 7.13
C GLY A 126 -0.40 -7.02 7.82
N THR A 127 -1.64 -7.42 8.09
CA THR A 127 -1.97 -8.70 8.71
C THR A 127 -3.48 -8.85 8.63
N THR A 128 -3.96 -10.08 8.76
CA THR A 128 -5.40 -10.31 8.92
C THR A 128 -5.74 -10.97 10.25
N CYS A 129 -4.80 -10.96 11.20
CA CYS A 129 -4.99 -11.61 12.49
C CYS A 129 -6.29 -11.19 13.15
N THR A 130 -7.26 -12.11 13.24
CA THR A 130 -8.57 -11.77 13.77
C THR A 130 -8.56 -11.57 15.27
N LYS A 131 -7.47 -11.90 15.97
CA LYS A 131 -7.35 -11.50 17.37
C LYS A 131 -7.02 -10.03 17.52
N HIS A 132 -6.57 -9.36 16.45
CA HIS A 132 -6.45 -7.92 16.48
C HIS A 132 -7.85 -7.32 16.65
N PRO A 133 -8.10 -6.52 17.68
CA PRO A 133 -9.49 -6.15 18.00
C PRO A 133 -10.16 -5.27 16.96
N HIS A 134 -9.41 -4.36 16.31
CA HIS A 134 -10.06 -3.56 15.28
C HIS A 134 -10.28 -4.38 14.01
N ILE A 135 -9.30 -5.23 13.64
CA ILE A 135 -9.49 -6.13 12.52
C ILE A 135 -10.73 -6.99 12.74
N LYS A 136 -10.91 -7.51 13.96
CA LYS A 136 -12.10 -8.26 14.30
C LYS A 136 -13.37 -7.45 13.99
N MET A 137 -13.39 -6.18 14.41
CA MET A 137 -14.56 -5.37 14.09
C MET A 137 -14.79 -5.26 12.58
N VAL A 138 -13.72 -5.14 11.79
CA VAL A 138 -13.90 -5.05 10.34
C VAL A 138 -14.45 -6.37 9.79
N MET A 139 -13.89 -7.49 10.24
CA MET A 139 -14.30 -8.79 9.74
C MET A 139 -15.76 -9.09 10.05
N GLU A 140 -16.27 -8.57 11.17
CA GLU A 140 -17.66 -8.82 11.56
C GLU A 140 -18.64 -7.82 10.95
N SER A 141 -18.18 -6.86 10.17
CA SER A 141 -19.08 -5.86 9.61
C SER A 141 -19.70 -6.37 8.32
N GLY A 142 -20.51 -5.53 7.67
CA GLY A 142 -21.24 -5.94 6.50
C GLY A 142 -20.35 -6.21 5.29
N ASP A 143 -20.95 -6.89 4.31
CA ASP A 143 -20.23 -7.27 3.09
C ASP A 143 -20.22 -6.16 2.03
N TRP A 144 -20.87 -5.02 2.28
CA TRP A 144 -20.81 -3.90 1.37
C TRP A 144 -20.24 -2.68 2.08
N LEU A 145 -19.68 -1.77 1.29
CA LEU A 145 -19.35 -0.42 1.72
C LEU A 145 -20.20 0.55 0.92
N VAL A 146 -20.58 1.67 1.54
CA VAL A 146 -21.31 2.72 0.83
C VAL A 146 -20.55 4.02 1.01
N GLY A 147 -20.28 4.69 -0.11
CA GLY A 147 -19.67 6.00 -0.06
C GLY A 147 -20.60 7.04 -0.63
N GLY A 148 -20.38 8.30 -0.32
CA GLY A 148 -21.25 9.36 -0.83
C GLY A 148 -20.95 10.66 -0.14
N ASP A 149 -21.70 11.69 -0.56
CA ASP A 149 -21.55 13.01 0.03
C ASP A 149 -22.32 13.11 1.34
N LEU A 150 -21.66 13.55 2.39
CA LEU A 150 -22.24 13.54 3.72
C LEU A 150 -22.64 14.95 4.13
N GLN A 151 -23.90 15.10 4.51
CA GLN A 151 -24.45 16.33 5.07
C GLN A 151 -24.79 16.05 6.52
N VAL A 152 -24.02 16.60 7.44
CA VAL A 152 -24.18 16.28 8.86
C VAL A 152 -25.04 17.37 9.50
N LEU A 153 -26.13 16.95 10.13
CA LEU A 153 -27.14 17.90 10.60
C LEU A 153 -26.60 18.81 11.69
N GLU A 154 -25.78 18.27 12.59
CA GLU A 154 -25.28 19.07 13.70
C GLU A 154 -24.02 18.41 14.24
N LYS A 155 -23.27 19.18 15.03
CA LYS A 155 -22.05 18.67 15.64
C LYS A 155 -22.34 17.38 16.41
N ILE A 156 -21.49 16.39 16.24
CA ILE A 156 -21.62 15.14 16.99
C ILE A 156 -21.13 15.42 18.41
N ARG A 157 -22.06 15.43 19.36
CA ARG A 157 -21.72 15.58 20.78
C ARG A 157 -21.99 14.27 21.51
N TRP A 158 -21.20 14.00 22.53
CA TRP A 158 -21.36 12.78 23.30
C TRP A 158 -22.01 13.01 24.66
N ASN A 159 -22.04 14.25 25.12
CA ASN A 159 -22.77 14.61 26.34
C ASN A 159 -22.34 13.74 27.51
N ASP A 160 -21.04 13.45 27.57
CA ASP A 160 -20.42 12.67 28.62
C ASP A 160 -19.65 13.53 29.61
N GLY A 161 -19.66 14.85 29.44
CA GLY A 161 -18.87 15.72 30.28
C GLY A 161 -17.49 16.03 29.75
N LEU A 162 -17.16 15.59 28.53
CA LEU A 162 -15.87 15.89 27.92
C LEU A 162 -15.99 16.62 26.59
N ASP A 163 -17.21 16.97 26.15
CA ASP A 163 -17.35 17.63 24.85
C ASP A 163 -16.58 18.94 24.79
N GLN A 164 -16.34 19.59 25.93
CA GLN A 164 -15.62 20.85 25.91
C GLN A 164 -14.19 20.70 25.42
N TYR A 165 -13.61 19.50 25.47
CA TYR A 165 -12.29 19.23 24.93
C TYR A 165 -12.31 18.77 23.48
N ARG A 166 -13.49 18.47 22.92
CA ARG A 166 -13.58 17.91 21.59
C ARG A 166 -13.62 19.06 20.59
N LEU A 167 -12.45 19.67 20.39
CA LEU A 167 -12.33 20.82 19.51
C LEU A 167 -12.20 20.40 18.06
N THR A 168 -12.82 21.17 17.16
CA THR A 168 -12.65 20.96 15.73
C THR A 168 -11.30 21.52 15.28
N PRO A 169 -10.84 21.14 14.08
CA PRO A 169 -9.62 21.77 13.54
C PRO A 169 -9.69 23.28 13.52
N LEU A 170 -10.81 23.85 13.07
CA LEU A 170 -10.93 25.31 13.04
C LEU A 170 -10.88 25.90 14.44
N GLU A 171 -11.54 25.25 15.41
CA GLU A 171 -11.47 25.73 16.79
C GLU A 171 -10.04 25.67 17.32
N LEU A 172 -9.26 24.67 16.88
CA LEU A 172 -7.86 24.60 17.29
C LEU A 172 -7.06 25.75 16.70
N LYS A 173 -7.27 26.04 15.41
CA LYS A 173 -6.66 27.23 14.83
C LYS A 173 -7.04 28.50 15.59
N GLN A 174 -8.30 28.61 16.00
CA GLN A 174 -8.76 29.80 16.70
C GLN A 174 -8.07 29.92 18.06
N LYS A 175 -7.96 28.81 18.79
CA LYS A 175 -7.31 28.84 20.09
C LYS A 175 -5.84 29.20 19.93
N CYS A 176 -5.17 28.66 18.92
CA CYS A 176 -3.76 29.00 18.71
C CYS A 176 -3.59 30.47 18.38
N LYS A 177 -4.49 31.04 17.57
CA LYS A 177 -4.54 32.49 17.37
C LYS A 177 -4.66 33.22 18.70
N GLU A 178 -5.62 32.79 19.54
CA GLU A 178 -5.84 33.47 20.82
C GLU A 178 -4.60 33.45 21.69
N MET A 179 -3.78 32.39 21.58
CA MET A 179 -2.56 32.27 22.35
C MET A 179 -1.36 32.90 21.66
N ASN A 180 -1.58 33.57 20.53
CA ASN A 180 -0.52 34.26 19.78
C ASN A 180 0.61 33.30 19.39
N ALA A 181 0.24 32.06 19.08
CA ALA A 181 1.25 31.08 18.68
C ALA A 181 1.95 31.53 17.40
N ASP A 182 3.26 31.29 17.34
CA ASP A 182 3.99 31.39 16.09
C ASP A 182 4.56 30.04 15.65
N ALA A 183 4.32 28.98 16.41
CA ALA A 183 4.56 27.62 15.99
C ALA A 183 3.63 26.73 16.81
N VAL A 184 3.07 25.71 16.18
CA VAL A 184 2.16 24.77 16.84
C VAL A 184 2.73 23.38 16.63
N PHE A 185 3.08 22.69 17.71
CA PHE A 185 3.63 21.35 17.60
C PHE A 185 2.72 20.36 18.32
N ALA A 186 2.39 19.26 17.65
CA ALA A 186 1.37 18.34 18.12
C ALA A 186 1.99 17.07 18.72
N PHE A 187 1.33 16.55 19.75
CA PHE A 187 1.68 15.26 20.33
C PHE A 187 0.42 14.40 20.39
N GLN A 188 0.33 13.48 19.43
CA GLN A 188 -0.66 12.42 19.46
C GLN A 188 -0.27 11.39 20.51
N LEU A 189 -1.27 10.86 21.21
CA LEU A 189 -1.02 9.85 22.21
C LEU A 189 -2.32 9.13 22.53
N ARG A 190 -2.18 7.89 23.02
CA ARG A 190 -3.31 7.09 23.45
C ARG A 190 -3.14 6.61 24.88
N ASN A 191 -2.00 6.89 25.49
CA ASN A 191 -1.60 6.33 26.78
C ASN A 191 -1.42 7.44 27.80
N PRO A 192 -1.30 7.11 29.09
CA PRO A 192 -0.97 8.15 30.08
C PRO A 192 0.41 8.74 29.79
N VAL A 193 0.58 10.00 30.17
CA VAL A 193 1.82 10.73 29.92
C VAL A 193 2.81 10.36 31.03
N HIS A 194 3.91 9.69 30.66
CA HIS A 194 5.04 9.61 31.57
C HIS A 194 6.10 10.60 31.12
N ASN A 195 7.18 10.70 31.89
CA ASN A 195 8.14 11.77 31.64
C ASN A 195 9.05 11.50 30.45
N GLY A 196 8.97 10.31 29.84
CA GLY A 196 9.59 10.12 28.53
C GLY A 196 8.83 10.86 27.44
N HIS A 197 7.51 10.71 27.45
CA HIS A 197 6.64 11.46 26.58
C HIS A 197 6.90 12.94 26.81
N ALA A 198 6.93 13.33 28.06
CA ALA A 198 7.18 14.71 28.44
C ALA A 198 8.53 15.17 27.91
N LEU A 199 9.54 14.30 27.94
CA LEU A 199 10.83 14.68 27.40
C LEU A 199 10.76 14.99 25.91
N LEU A 200 10.02 14.18 25.16
CA LEU A 200 9.85 14.50 23.75
C LEU A 200 9.22 15.88 23.56
N MET A 201 8.18 16.19 24.34
CA MET A 201 7.50 17.47 24.16
C MET A 201 8.35 18.66 24.63
N GLN A 202 9.04 18.51 25.77
CA GLN A 202 9.89 19.55 26.32
C GLN A 202 11.09 19.82 25.41
N ASP A 203 11.69 18.76 24.88
CA ASP A 203 12.81 18.91 23.95
C ASP A 203 12.36 19.61 22.68
N THR A 204 11.20 19.22 22.14
CA THR A 204 10.66 19.92 20.98
C THR A 204 10.49 21.41 21.25
N ARG A 205 9.84 21.74 22.38
CA ARG A 205 9.70 23.15 22.75
C ARG A 205 11.05 23.86 22.80
N ARG A 206 12.04 23.23 23.42
CA ARG A 206 13.36 23.84 23.53
C ARG A 206 13.94 24.14 22.15
N ARG A 207 13.87 23.16 21.25
CA ARG A 207 14.45 23.35 19.93
C ARG A 207 13.70 24.42 19.13
N LEU A 208 12.38 24.51 19.30
CA LEU A 208 11.66 25.60 18.63
C LEU A 208 12.07 26.96 19.19
N LEU A 209 12.18 27.08 20.51
CA LEU A 209 12.67 28.32 21.10
C LEU A 209 14.02 28.71 20.53
N GLU A 210 14.93 27.74 20.44
CA GLU A 210 16.28 28.04 19.95
C GLU A 210 16.32 28.35 18.47
N ARG A 211 15.30 27.94 17.71
CA ARG A 211 15.17 28.36 16.31
C ARG A 211 14.51 29.72 16.16
N GLY A 212 14.18 30.39 17.26
CA GLY A 212 13.67 31.75 17.21
C GLY A 212 12.18 31.90 17.39
N TYR A 213 11.43 30.80 17.51
CA TYR A 213 10.01 30.92 17.77
C TYR A 213 9.80 31.43 19.18
N LYS A 214 8.95 32.44 19.32
CA LYS A 214 8.75 33.12 20.60
C LYS A 214 7.60 32.52 21.41
N HIS A 215 6.58 32.00 20.75
CA HIS A 215 5.43 31.40 21.42
C HIS A 215 5.07 30.07 20.77
N PRO A 216 5.91 29.05 20.94
CA PRO A 216 5.52 27.70 20.52
C PRO A 216 4.42 27.18 21.43
N VAL A 217 3.41 26.56 20.83
CA VAL A 217 2.26 26.05 21.55
C VAL A 217 2.18 24.55 21.32
N LEU A 218 2.16 23.80 22.42
CA LEU A 218 2.01 22.36 22.39
C LEU A 218 0.53 22.01 22.25
N LEU A 219 0.21 21.16 21.28
CA LEU A 219 -1.11 20.56 21.14
C LEU A 219 -1.01 19.16 21.72
N LEU A 220 -1.34 19.03 23.01
CA LEU A 220 -1.43 17.72 23.65
C LEU A 220 -2.80 17.14 23.31
N HIS A 221 -2.81 16.08 22.50
CA HIS A 221 -3.99 15.70 21.74
C HIS A 221 -4.30 14.22 21.93
N PRO A 222 -4.76 13.84 23.12
CA PRO A 222 -5.14 12.43 23.34
C PRO A 222 -6.25 11.99 22.41
N LEU A 223 -6.05 10.81 21.81
CA LEU A 223 -7.09 10.23 20.97
C LEU A 223 -8.26 9.76 21.83
N GLY A 224 -9.48 10.00 21.35
CA GLY A 224 -10.67 9.74 22.15
C GLY A 224 -11.75 8.89 21.51
N GLY A 225 -11.57 8.46 20.27
CA GLY A 225 -12.46 7.49 19.65
C GLY A 225 -12.21 6.10 20.20
N TRP A 226 -12.79 5.10 19.53
CA TRP A 226 -12.68 3.71 19.97
C TRP A 226 -11.23 3.33 20.23
N THR A 227 -11.00 2.70 21.39
CA THR A 227 -9.72 2.10 21.74
C THR A 227 -9.97 0.71 22.30
N LYS A 228 -8.91 -0.10 22.37
CA LYS A 228 -9.12 -1.48 22.78
C LYS A 228 -9.36 -1.58 24.28
N ASP A 229 -9.92 -2.74 24.69
CA ASP A 229 -10.53 -2.90 26.01
C ASP A 229 -9.55 -2.64 27.14
N ASP A 230 -8.30 -3.06 26.98
CA ASP A 230 -7.36 -3.02 28.09
C ASP A 230 -6.54 -1.73 28.15
N ASP A 231 -6.79 -0.77 27.26
CA ASP A 231 -6.17 0.54 27.39
C ASP A 231 -6.77 1.29 28.58
N VAL A 232 -6.05 2.29 29.06
CA VAL A 232 -6.64 3.16 30.09
C VAL A 232 -7.78 3.96 29.47
N PRO A 233 -8.97 4.00 30.07
CA PRO A 233 -10.08 4.74 29.46
C PRO A 233 -9.80 6.23 29.36
N LEU A 234 -10.48 6.85 28.38
CA LEU A 234 -10.30 8.27 28.09
C LEU A 234 -10.46 9.15 29.33
N ASP A 235 -11.49 8.89 30.14
CA ASP A 235 -11.77 9.79 31.27
C ASP A 235 -10.63 9.77 32.28
N TRP A 236 -10.07 8.58 32.55
CA TRP A 236 -8.91 8.48 33.41
C TRP A 236 -7.68 9.14 32.78
N ARG A 237 -7.51 8.99 31.47
CA ARG A 237 -6.36 9.62 30.81
C ARG A 237 -6.44 11.14 30.90
N MET A 238 -7.65 11.70 30.74
CA MET A 238 -7.78 13.15 30.85
C MET A 238 -7.43 13.62 32.26
N LYS A 239 -7.84 12.87 33.28
CA LYS A 239 -7.43 13.28 34.63
C LYS A 239 -5.92 13.14 34.81
N GLN A 240 -5.32 12.10 34.24
CA GLN A 240 -3.88 11.90 34.37
C GLN A 240 -3.09 13.03 33.69
N HIS A 241 -3.52 13.44 32.48
CA HIS A 241 -2.87 14.55 31.79
C HIS A 241 -3.04 15.85 32.58
N ALA A 242 -4.25 16.09 33.10
CA ALA A 242 -4.48 17.27 33.93
C ALA A 242 -3.51 17.33 35.08
N ALA A 243 -3.25 16.18 35.71
CA ALA A 243 -2.28 16.15 36.82
C ALA A 243 -0.86 16.44 36.34
N VAL A 244 -0.50 15.94 35.14
CA VAL A 244 0.82 16.27 34.60
C VAL A 244 0.98 17.78 34.45
N LEU A 245 -0.05 18.45 33.92
CA LEU A 245 0.03 19.90 33.77
C LEU A 245 0.05 20.61 35.12
N GLU A 246 -0.74 20.12 36.09
CA GLU A 246 -0.77 20.72 37.42
C GLU A 246 0.59 20.67 38.09
N GLU A 247 1.37 19.61 37.84
CA GLU A 247 2.70 19.48 38.40
C GLU A 247 3.74 20.33 37.68
N GLY A 248 3.40 20.93 36.55
CA GLY A 248 4.35 21.74 35.81
C GLY A 248 5.29 20.98 34.91
N VAL A 249 5.16 19.66 34.83
CA VAL A 249 5.98 18.86 33.91
C VAL A 249 5.79 19.34 32.48
N LEU A 250 4.55 19.68 32.12
CA LEU A 250 4.25 20.47 30.94
C LEU A 250 3.58 21.76 31.39
N ASP A 251 3.82 22.84 30.65
CA ASP A 251 3.39 24.17 31.07
C ASP A 251 1.98 24.45 30.57
N PRO A 252 0.99 24.62 31.45
CA PRO A 252 -0.39 24.84 30.98
C PRO A 252 -0.56 26.10 30.17
N LYS A 253 0.27 27.12 30.39
CA LYS A 253 0.11 28.39 29.72
C LYS A 253 0.50 28.34 28.25
N SER A 254 1.28 27.34 27.85
CA SER A 254 1.69 27.19 26.45
C SER A 254 1.21 25.86 25.87
N THR A 255 0.15 25.28 26.43
CA THR A 255 -0.35 23.98 26.03
C THR A 255 -1.87 24.05 25.83
N ILE A 256 -2.33 23.42 24.75
CA ILE A 256 -3.74 23.16 24.49
C ILE A 256 -3.96 21.67 24.71
N VAL A 257 -4.86 21.32 25.62
CA VAL A 257 -5.27 19.94 25.80
C VAL A 257 -6.60 19.75 25.07
N ALA A 258 -6.64 18.85 24.09
CA ALA A 258 -7.88 18.59 23.39
C ALA A 258 -8.00 17.11 23.08
N ILE A 259 -9.21 16.68 22.74
CA ILE A 259 -9.49 15.26 22.46
C ILE A 259 -9.66 15.10 20.95
N PHE A 260 -8.83 14.23 20.37
CA PHE A 260 -8.91 13.89 18.95
C PHE A 260 -9.96 12.79 18.76
N PRO A 261 -11.00 13.03 17.94
CA PRO A 261 -12.18 12.16 17.97
C PRO A 261 -12.05 10.84 17.20
N SER A 262 -10.93 10.57 16.55
CA SER A 262 -10.86 9.42 15.66
C SER A 262 -10.85 8.11 16.47
N PRO A 263 -11.46 7.05 15.95
CA PRO A 263 -11.16 5.72 16.46
C PRO A 263 -9.69 5.39 16.25
N MET A 264 -9.19 4.49 17.09
CA MET A 264 -7.81 4.00 17.00
C MET A 264 -7.78 2.69 16.22
N LEU A 265 -6.94 2.62 15.18
CA LEU A 265 -6.80 1.39 14.42
C LEU A 265 -5.75 0.44 15.00
N TYR A 266 -4.70 0.98 15.63
CA TYR A 266 -3.49 0.22 15.96
C TYR A 266 -2.88 -0.38 14.68
N ALA A 267 -2.62 0.49 13.71
CA ALA A 267 -2.05 0.06 12.44
C ALA A 267 -0.67 0.66 12.18
N GLY A 268 0.04 1.07 13.23
CA GLY A 268 1.46 1.37 13.13
C GLY A 268 1.84 2.38 12.07
N PRO A 269 2.79 2.03 11.20
CA PRO A 269 3.28 3.02 10.22
C PRO A 269 2.23 3.49 9.24
N THR A 270 1.19 2.70 8.98
CA THR A 270 0.08 3.20 8.17
C THR A 270 -0.73 4.23 8.94
N GLU A 271 -1.03 3.95 10.22
CA GLU A 271 -1.87 4.83 11.01
C GLU A 271 -1.17 6.13 11.39
N VAL A 272 0.14 6.09 11.63
CA VAL A 272 0.81 7.29 12.12
C VAL A 272 0.71 8.43 11.10
N GLN A 273 0.65 8.09 9.82
CA GLN A 273 0.44 9.13 8.81
C GLN A 273 -0.91 9.79 8.99
N TRP A 274 -1.92 9.02 9.35
CA TRP A 274 -3.24 9.60 9.60
C TRP A 274 -3.24 10.47 10.85
N HIS A 275 -2.59 9.99 11.92
CA HIS A 275 -2.45 10.81 13.12
C HIS A 275 -1.76 12.13 12.79
N CYS A 276 -0.79 12.11 11.87
CA CYS A 276 -0.07 13.32 11.50
C CYS A 276 -0.90 14.24 10.61
N ARG A 277 -1.47 13.71 9.52
CA ARG A 277 -2.17 14.56 8.57
C ARG A 277 -3.38 15.23 9.22
N SER A 278 -4.05 14.54 10.15
CA SER A 278 -5.19 15.16 10.79
C SER A 278 -4.77 16.36 11.64
N ARG A 279 -3.61 16.26 12.30
CA ARG A 279 -3.10 17.40 13.06
C ARG A 279 -2.61 18.51 12.14
N MET A 280 -2.06 18.14 10.98
CA MET A 280 -1.72 19.14 9.96
C MET A 280 -2.94 19.96 9.57
N ILE A 281 -4.07 19.29 9.33
CA ILE A 281 -5.31 20.00 9.01
C ILE A 281 -5.69 20.97 10.14
N ALA A 282 -5.42 20.61 11.38
CA ALA A 282 -5.76 21.48 12.50
C ALA A 282 -4.73 22.59 12.73
N GLY A 283 -3.72 22.71 11.86
CA GLY A 283 -2.79 23.81 11.93
C GLY A 283 -1.47 23.54 12.60
N ALA A 284 -1.18 22.30 13.00
CA ALA A 284 0.14 21.99 13.52
C ALA A 284 1.15 22.05 12.38
N ASN A 285 2.23 22.83 12.57
CA ASN A 285 3.32 22.83 11.61
C ASN A 285 4.48 21.95 12.03
N PHE A 286 4.43 21.36 13.23
CA PHE A 286 5.43 20.42 13.69
C PHE A 286 4.72 19.23 14.33
N TYR A 287 5.24 18.03 14.10
CA TYR A 287 4.60 16.81 14.59
C TYR A 287 5.67 15.89 15.15
N ILE A 288 5.51 15.54 16.43
CA ILE A 288 6.43 14.65 17.13
C ILE A 288 6.09 13.20 16.81
N VAL A 289 7.11 12.38 16.54
CA VAL A 289 6.91 10.95 16.38
C VAL A 289 8.05 10.23 17.10
N GLY A 290 7.71 9.19 17.86
CA GLY A 290 8.70 8.44 18.58
C GLY A 290 8.84 7.01 18.09
N ARG A 291 9.13 6.07 18.99
CA ARG A 291 9.29 4.68 18.63
C ARG A 291 7.94 3.97 18.62
N ASP A 292 7.77 3.05 17.68
CA ASP A 292 6.58 2.22 17.57
C ASP A 292 5.26 2.99 17.69
N PRO A 293 5.12 4.12 16.99
CA PRO A 293 3.86 4.86 17.08
C PRO A 293 2.71 4.02 16.55
N ALA A 294 1.56 4.12 17.23
CA ALA A 294 0.34 3.41 16.87
C ALA A 294 0.54 1.90 16.78
N GLY A 295 1.52 1.35 17.49
CA GLY A 295 1.80 -0.06 17.46
C GLY A 295 1.05 -0.82 18.53
N MET A 296 1.28 -2.13 18.55
CA MET A 296 0.80 -3.01 19.62
C MET A 296 1.48 -4.35 19.47
N PRO A 297 1.52 -5.15 20.54
CA PRO A 297 2.08 -6.50 20.40
C PRO A 297 1.20 -7.36 19.49
N HIS A 298 1.85 -8.13 18.64
CA HIS A 298 1.15 -9.10 17.81
C HIS A 298 0.30 -10.01 18.70
N PRO A 299 -1.02 -10.08 18.50
CA PRO A 299 -1.83 -10.91 19.41
C PRO A 299 -1.43 -12.37 19.41
N GLU A 300 -0.95 -12.88 18.28
CA GLU A 300 -0.66 -14.30 18.13
C GLU A 300 0.76 -14.62 18.61
N THR A 301 1.76 -13.99 17.98
CA THR A 301 3.16 -14.28 18.28
C THR A 301 3.70 -13.44 19.44
N LYS A 302 2.97 -12.42 19.89
CA LYS A 302 3.31 -11.56 21.02
C LYS A 302 4.58 -10.74 20.79
N LYS A 303 5.20 -10.87 19.61
CA LYS A 303 6.20 -9.90 19.19
C LYS A 303 5.52 -8.56 18.90
N ASP A 304 6.35 -7.54 18.64
CA ASP A 304 5.79 -6.29 18.13
C ASP A 304 5.10 -6.57 16.79
N LEU A 305 3.89 -6.04 16.64
CA LEU A 305 3.21 -6.21 15.37
C LEU A 305 3.96 -5.51 14.24
N TYR A 306 4.54 -4.34 14.54
CA TYR A 306 5.29 -3.57 13.55
C TYR A 306 6.73 -3.40 14.00
N GLU A 307 7.61 -3.26 13.02
CA GLU A 307 9.00 -2.93 13.31
C GLU A 307 9.03 -1.55 13.95
N PRO A 308 9.56 -1.41 15.16
CA PRO A 308 9.35 -0.18 15.94
C PRO A 308 10.01 1.06 15.36
N THR A 309 10.94 0.93 14.41
CA THR A 309 11.50 2.11 13.76
C THR A 309 10.71 2.54 12.52
N HIS A 310 9.77 1.72 12.05
CA HIS A 310 9.16 1.97 10.75
C HIS A 310 8.28 3.21 10.77
N GLY A 311 7.56 3.45 11.87
CA GLY A 311 6.62 4.56 11.90
C GLY A 311 7.31 5.89 11.62
N GLY A 312 8.43 6.14 12.30
CA GLY A 312 9.14 7.40 12.09
C GLY A 312 9.82 7.47 10.73
N LYS A 313 10.39 6.36 10.26
CA LYS A 313 11.03 6.35 8.95
C LYS A 313 10.02 6.62 7.85
N VAL A 314 8.86 5.96 7.91
CA VAL A 314 7.81 6.14 6.91
C VAL A 314 7.28 7.57 6.98
N LEU A 315 6.93 8.04 8.18
CA LEU A 315 6.35 9.36 8.32
C LEU A 315 7.32 10.44 7.82
N SER A 316 8.61 10.28 8.10
CA SER A 316 9.59 11.31 7.74
C SER A 316 9.70 11.51 6.22
N MET A 317 9.37 10.49 5.43
CA MET A 317 9.46 10.61 3.98
C MET A 317 8.12 10.50 3.29
N ALA A 318 7.01 10.47 4.04
CA ALA A 318 5.69 10.26 3.45
C ALA A 318 5.30 11.47 2.59
N PRO A 319 4.69 11.23 1.42
CA PRO A 319 4.25 12.35 0.59
C PRO A 319 2.94 12.95 1.09
N GLY A 320 2.65 14.15 0.60
CA GLY A 320 1.39 14.80 0.92
C GLY A 320 1.33 15.42 2.29
N LEU A 321 2.48 15.71 2.90
CA LEU A 321 2.59 16.29 4.23
C LEU A 321 3.49 17.52 4.21
N THR A 322 3.41 18.31 3.14
CA THR A 322 4.42 19.35 2.94
C THR A 322 4.30 20.51 3.91
N SER A 323 3.14 20.72 4.52
CA SER A 323 2.96 21.85 5.42
C SER A 323 3.21 21.51 6.88
N VAL A 324 3.75 20.33 7.19
CA VAL A 324 4.09 19.94 8.55
C VAL A 324 5.49 19.35 8.57
N GLU A 325 6.28 19.73 9.57
CA GLU A 325 7.64 19.24 9.74
C GLU A 325 7.64 18.11 10.75
N ILE A 326 8.15 16.95 10.34
CA ILE A 326 8.22 15.78 11.20
C ILE A 326 9.44 15.89 12.11
N ILE A 327 9.23 15.74 13.41
CA ILE A 327 10.33 15.74 14.38
C ILE A 327 10.42 14.34 14.98
N PRO A 328 11.28 13.48 14.47
CA PRO A 328 11.39 12.12 15.00
C PRO A 328 12.32 12.02 16.20
N PHE A 329 12.02 11.04 17.05
CA PHE A 329 12.78 10.76 18.26
C PHE A 329 13.05 9.27 18.34
N ARG A 330 14.12 8.92 19.05
CA ARG A 330 14.34 7.53 19.40
C ARG A 330 13.90 7.33 20.86
N VAL A 331 14.14 6.12 21.38
CA VAL A 331 13.52 5.69 22.63
C VAL A 331 13.94 6.58 23.80
N ALA A 332 12.97 6.94 24.63
CA ALA A 332 13.23 7.53 25.94
C ALA A 332 12.97 6.48 27.02
N ALA A 333 13.86 6.43 28.01
CA ALA A 333 13.76 5.43 29.06
C ALA A 333 14.38 5.99 30.33
N TYR A 334 14.18 5.26 31.43
CA TYR A 334 14.58 5.75 32.74
C TYR A 334 16.08 5.56 32.95
N ASN A 335 16.78 6.67 33.11
CA ASN A 335 18.19 6.68 33.45
C ASN A 335 18.32 6.63 34.98
N LYS A 336 18.82 5.49 35.47
CA LYS A 336 18.93 5.26 36.91
C LYS A 336 19.91 6.23 37.55
N ALA A 337 21.08 6.40 36.94
CA ALA A 337 22.10 7.28 37.52
C ALA A 337 21.61 8.73 37.57
N LYS A 338 20.81 9.14 36.60
CA LYS A 338 20.23 10.48 36.61
C LYS A 338 18.93 10.55 37.39
N LYS A 339 18.33 9.40 37.72
CA LYS A 339 16.97 9.36 38.24
C LYS A 339 16.03 10.20 37.39
N ALA A 340 16.14 10.03 36.07
CA ALA A 340 15.31 10.85 35.20
C ALA A 340 15.17 10.16 33.85
N MET A 341 14.09 10.48 33.15
CA MET A 341 13.91 9.98 31.80
C MET A 341 14.91 10.66 30.87
N ASP A 342 15.45 9.88 29.94
CA ASP A 342 16.56 10.33 29.11
C ASP A 342 16.47 9.57 27.80
N PHE A 343 17.11 10.09 26.77
CA PHE A 343 17.15 9.36 25.51
C PHE A 343 18.07 8.15 25.64
N TYR A 344 17.54 6.99 25.26
CA TYR A 344 18.26 5.73 25.43
C TYR A 344 19.56 5.74 24.64
N ASP A 345 20.57 5.08 25.21
CA ASP A 345 21.91 5.03 24.63
C ASP A 345 22.36 3.57 24.63
N PRO A 346 22.75 3.01 23.49
CA PRO A 346 23.04 1.57 23.43
C PRO A 346 24.28 1.16 24.21
N ALA A 347 25.41 1.83 23.94
CA ALA A 347 26.66 1.59 24.67
C ALA A 347 26.46 1.64 26.17
N ARG A 348 25.33 2.18 26.58
CA ARG A 348 25.04 2.59 27.94
C ARG A 348 23.88 1.78 28.51
N HIS A 349 23.63 0.61 27.90
CA HIS A 349 22.36 -0.10 28.01
C HIS A 349 21.99 -0.41 29.47
N ASN A 350 22.97 -0.79 30.27
CA ASN A 350 22.65 -1.25 31.62
C ASN A 350 22.17 -0.15 32.55
N GLU A 351 22.25 1.12 32.14
CA GLU A 351 21.73 2.19 33.00
C GLU A 351 20.27 2.51 32.80
N PHE A 352 19.62 1.86 31.88
CA PHE A 352 18.26 2.22 31.54
C PHE A 352 17.30 1.16 32.06
N ASP A 353 16.25 1.62 32.71
CA ASP A 353 15.15 0.79 33.18
C ASP A 353 13.95 1.07 32.28
N PHE A 354 13.34 0.02 31.75
CA PHE A 354 12.15 0.16 30.93
C PHE A 354 10.94 -0.22 31.78
N ILE A 355 10.02 0.72 31.95
CA ILE A 355 8.85 0.54 32.80
C ILE A 355 7.65 0.41 31.88
N SER A 356 7.20 -0.83 31.67
CA SER A 356 6.07 -1.11 30.82
C SER A 356 4.76 -0.92 31.60
N GLY A 357 3.66 -0.85 30.85
CA GLY A 357 2.36 -0.90 31.49
C GLY A 357 2.21 -2.10 32.41
N THR A 358 2.85 -3.22 32.06
CA THR A 358 2.83 -4.41 32.90
C THR A 358 3.45 -4.14 34.26
N ARG A 359 4.63 -3.52 34.28
CA ARG A 359 5.29 -3.27 35.55
C ARG A 359 4.60 -2.16 36.34
N MET A 360 3.90 -1.26 35.65
CA MET A 360 3.09 -0.27 36.36
C MET A 360 1.88 -0.93 37.02
N ARG A 361 1.21 -1.84 36.31
CA ARG A 361 0.16 -2.64 36.93
C ARG A 361 0.67 -3.35 38.17
N LYS A 362 1.84 -3.98 38.07
CA LYS A 362 2.42 -4.63 39.24
C LYS A 362 2.67 -3.62 40.36
N LEU A 363 3.23 -2.45 40.02
CA LEU A 363 3.59 -1.47 41.05
C LEU A 363 2.37 -0.97 41.79
N ALA A 364 1.27 -0.70 41.07
CA ALA A 364 0.05 -0.28 41.74
C ALA A 364 -0.55 -1.41 42.56
N ARG A 365 -0.56 -2.63 42.02
CA ARG A 365 -1.08 -3.77 42.78
C ARG A 365 -0.39 -3.91 44.13
N GLU A 366 0.92 -3.67 44.16
CA GLU A 366 1.75 -3.81 45.36
C GLU A 366 1.74 -2.57 46.25
N GLY A 367 0.92 -1.56 45.92
CA GLY A 367 0.94 -0.32 46.68
C GLY A 367 2.25 0.45 46.56
N GLU A 368 2.93 0.33 45.43
CA GLU A 368 4.25 0.90 45.23
C GLU A 368 4.20 2.02 44.20
N ASN A 369 5.19 2.90 44.25
CA ASN A 369 5.39 4.00 43.33
C ASN A 369 6.50 3.66 42.34
N PRO A 370 6.48 4.24 41.14
CA PRO A 370 7.58 4.03 40.20
C PRO A 370 8.81 4.80 40.64
N PRO A 371 9.99 4.46 40.11
CA PRO A 371 11.20 5.19 40.51
C PRO A 371 11.04 6.69 40.32
N ASP A 372 11.76 7.46 41.13
CA ASP A 372 11.67 8.91 41.11
C ASP A 372 12.08 9.46 39.76
N GLY A 373 11.19 10.24 39.14
CA GLY A 373 11.43 10.84 37.85
C GLY A 373 10.63 10.24 36.71
N PHE A 374 10.04 9.05 36.90
CA PHE A 374 9.35 8.38 35.80
C PHE A 374 8.04 9.08 35.46
N MET A 375 7.25 9.46 36.46
CA MET A 375 5.97 10.10 36.24
C MET A 375 5.74 11.10 37.37
N ALA A 376 5.09 12.22 37.03
CA ALA A 376 4.76 13.20 38.05
C ALA A 376 3.90 12.54 39.13
N PRO A 377 4.19 12.77 40.41
CA PRO A 377 3.50 12.00 41.48
C PRO A 377 1.99 12.11 41.46
N LYS A 378 1.42 13.29 41.23
CA LYS A 378 -0.04 13.39 41.22
C LYS A 378 -0.65 12.63 40.04
N ALA A 379 0.08 12.53 38.93
CA ALA A 379 -0.41 11.79 37.78
C ALA A 379 -0.36 10.29 38.02
N TRP A 380 0.74 9.80 38.59
CA TRP A 380 0.78 8.41 39.05
C TRP A 380 -0.35 8.13 40.02
N LYS A 381 -0.64 9.07 40.91
CA LYS A 381 -1.76 8.90 41.85
C LYS A 381 -3.08 8.70 41.10
N VAL A 382 -3.33 9.50 40.07
CA VAL A 382 -4.52 9.27 39.25
C VAL A 382 -4.52 7.84 38.73
N LEU A 383 -3.36 7.35 38.27
CA LEU A 383 -3.33 5.99 37.77
C LEU A 383 -3.60 4.96 38.87
N THR A 384 -3.13 5.19 40.09
CA THR A 384 -3.40 4.22 41.15
C THR A 384 -4.89 4.21 41.49
N ASP A 385 -5.55 5.37 41.43
CA ASP A 385 -7.01 5.41 41.54
C ASP A 385 -7.66 4.57 40.44
N TYR A 386 -7.18 4.71 39.21
CA TYR A 386 -7.74 3.93 38.11
C TYR A 386 -7.60 2.42 38.36
N TYR A 387 -6.38 1.97 38.64
CA TYR A 387 -6.15 0.54 38.86
C TYR A 387 -6.96 0.03 40.05
N ARG A 388 -7.12 0.86 41.07
CA ARG A 388 -7.93 0.48 42.22
C ARG A 388 -9.40 0.29 41.83
N SER A 389 -9.91 1.18 40.98
CA SER A 389 -11.32 1.10 40.56
C SER A 389 -11.65 -0.20 39.85
N LEU A 390 -10.64 -0.95 39.39
CA LEU A 390 -10.88 -2.22 38.73
C LEU A 390 -11.10 -3.36 39.71
N GLU A 391 -11.17 -3.04 41.01
CA GLU A 391 -11.36 -4.02 42.07
C GLU A 391 -10.33 -5.15 42.01
N SER B 1 14.12 9.47 -21.88
CA SER B 1 14.26 9.12 -20.47
C SER B 1 15.38 8.10 -20.28
N ASP B 2 15.97 8.09 -19.09
CA ASP B 2 17.15 7.28 -18.83
C ASP B 2 16.79 5.83 -18.51
N ILE B 3 17.75 4.95 -18.75
CA ILE B 3 17.69 3.52 -18.40
C ILE B 3 18.99 3.24 -17.65
N HIS B 4 18.89 2.70 -16.46
CA HIS B 4 20.07 2.42 -15.63
C HIS B 4 20.36 0.92 -15.62
N GLU B 5 21.23 0.50 -16.52
CA GLU B 5 21.68 -0.91 -16.59
C GLU B 5 22.71 -1.11 -15.46
N LEU B 6 22.90 -2.33 -15.01
CA LEU B 6 23.83 -2.64 -13.94
C LEU B 6 24.99 -3.52 -14.38
N PHE B 7 25.24 -3.61 -15.68
CA PHE B 7 26.30 -4.48 -16.19
C PHE B 7 27.67 -3.84 -15.98
N VAL B 8 28.66 -4.69 -15.77
CA VAL B 8 30.06 -4.22 -15.73
C VAL B 8 30.46 -3.75 -17.12
N PRO B 9 31.12 -2.60 -17.26
CA PRO B 9 31.59 -2.17 -18.58
C PRO B 9 32.57 -3.17 -19.17
N GLU B 10 32.61 -3.22 -20.51
CA GLU B 10 33.28 -4.31 -21.21
C GLU B 10 34.78 -4.36 -20.92
N ASN B 11 35.42 -3.19 -20.75
CA ASN B 11 36.86 -3.18 -20.49
C ASN B 11 37.18 -3.68 -19.10
N LYS B 12 36.46 -3.18 -18.11
CA LYS B 12 36.72 -3.48 -16.71
C LYS B 12 36.30 -4.88 -16.30
N LEU B 13 35.79 -5.69 -17.23
CA LEU B 13 35.11 -6.92 -16.83
C LEU B 13 36.10 -8.00 -16.45
N ASP B 14 37.22 -8.09 -17.15
CA ASP B 14 38.26 -9.03 -16.75
C ASP B 14 38.70 -8.77 -15.31
N HIS B 15 38.94 -7.49 -15.00
CA HIS B 15 39.31 -7.10 -13.65
C HIS B 15 38.22 -7.47 -12.65
N VAL B 16 36.96 -7.17 -12.98
CA VAL B 16 35.88 -7.40 -12.02
C VAL B 16 35.67 -8.89 -11.78
N ARG B 17 35.78 -9.73 -12.82
CA ARG B 17 35.71 -11.17 -12.62
C ARG B 17 36.82 -11.65 -11.72
N ALA B 18 38.04 -11.20 -12.00
CA ALA B 18 39.17 -11.56 -11.15
C ALA B 18 38.85 -11.23 -9.70
N GLU B 19 38.31 -10.03 -9.46
CA GLU B 19 37.88 -9.68 -8.10
C GLU B 19 36.82 -10.66 -7.59
N ALA B 20 35.87 -11.03 -8.45
CA ALA B 20 34.75 -11.86 -8.03
C ALA B 20 35.20 -13.25 -7.60
N GLU B 21 36.26 -13.78 -8.22
CA GLU B 21 36.75 -15.09 -7.82
C GLU B 21 37.28 -15.10 -6.38
N THR B 22 37.66 -13.94 -5.84
CA THR B 22 38.28 -13.84 -4.53
C THR B 22 37.28 -13.54 -3.42
N LEU B 23 36.03 -13.31 -3.74
CA LEU B 23 35.08 -12.81 -2.75
C LEU B 23 34.33 -13.95 -2.09
N PRO B 24 33.83 -13.74 -0.87
CA PRO B 24 32.81 -14.64 -0.33
C PRO B 24 31.64 -14.74 -1.29
N SER B 25 30.96 -15.88 -1.27
CA SER B 25 29.92 -16.17 -2.23
C SER B 25 28.60 -16.45 -1.52
N LEU B 26 27.48 -16.16 -2.21
CA LEU B 26 26.14 -16.43 -1.71
C LEU B 26 25.35 -17.11 -2.81
N SER B 27 24.78 -18.27 -2.50
CA SER B 27 23.94 -18.99 -3.46
C SER B 27 22.57 -18.35 -3.55
N ILE B 28 22.05 -18.19 -4.77
CA ILE B 28 20.72 -17.64 -4.96
C ILE B 28 19.89 -18.62 -5.79
N THR B 29 18.57 -18.50 -5.67
CA THR B 29 17.64 -19.38 -6.36
C THR B 29 17.45 -18.93 -7.81
N LYS B 30 16.76 -19.77 -8.59
CA LYS B 30 16.41 -19.38 -9.96
C LYS B 30 15.51 -18.16 -9.98
N LEU B 31 14.58 -18.07 -9.02
CA LEU B 31 13.74 -16.89 -8.91
C LEU B 31 14.57 -15.64 -8.65
N ASP B 32 15.48 -15.72 -7.67
CA ASP B 32 16.42 -14.62 -7.42
C ASP B 32 17.18 -14.25 -8.68
N LEU B 33 17.59 -15.25 -9.47
CA LEU B 33 18.39 -14.98 -10.66
C LEU B 33 17.56 -14.26 -11.71
N GLN B 34 16.28 -14.61 -11.84
CA GLN B 34 15.42 -13.85 -12.74
C GLN B 34 15.28 -12.41 -12.26
N TRP B 35 15.20 -12.19 -10.95
CA TRP B 35 15.21 -10.81 -10.47
C TRP B 35 16.54 -10.11 -10.76
N VAL B 36 17.66 -10.85 -10.70
CA VAL B 36 18.94 -10.29 -11.11
C VAL B 36 18.89 -9.82 -12.57
N GLN B 37 18.29 -10.62 -13.45
CA GLN B 37 18.15 -10.18 -14.83
C GLN B 37 17.30 -8.91 -14.94
N VAL B 38 16.14 -8.92 -14.29
CA VAL B 38 15.26 -7.73 -14.26
C VAL B 38 16.06 -6.49 -13.88
N LEU B 39 16.78 -6.57 -12.77
CA LEU B 39 17.53 -5.41 -12.29
C LEU B 39 18.65 -5.03 -13.24
N SER B 40 19.36 -6.04 -13.77
CA SER B 40 20.55 -5.79 -14.57
C SER B 40 20.21 -4.99 -15.83
N GLU B 41 19.04 -5.24 -16.41
CA GLU B 41 18.69 -4.62 -17.68
C GLU B 41 18.01 -3.25 -17.54
N GLY B 42 17.75 -2.78 -16.32
CA GLY B 42 17.20 -1.44 -16.14
C GLY B 42 15.70 -1.36 -16.05
N TRP B 43 15.00 -2.51 -16.01
CA TRP B 43 13.54 -2.50 -15.91
C TRP B 43 13.07 -1.80 -14.65
N ALA B 44 13.89 -1.80 -13.59
CA ALA B 44 13.54 -1.15 -12.33
C ALA B 44 14.34 0.13 -12.10
N THR B 45 14.74 0.80 -13.19
CA THR B 45 15.35 2.13 -13.13
C THR B 45 14.52 3.01 -12.20
N PRO B 46 15.16 3.72 -11.26
CA PRO B 46 16.61 3.89 -11.06
C PRO B 46 17.29 3.04 -9.98
N LEU B 47 16.73 1.88 -9.63
CA LEU B 47 17.37 1.04 -8.62
C LEU B 47 18.81 0.72 -9.01
N LYS B 48 19.69 0.74 -8.02
CA LYS B 48 21.08 0.36 -8.19
C LYS B 48 21.32 -1.10 -7.88
N GLY B 49 20.30 -1.82 -7.44
CA GLY B 49 20.43 -3.22 -7.09
C GLY B 49 19.21 -3.66 -6.30
N PHE B 50 19.40 -4.70 -5.49
CA PHE B 50 18.33 -5.15 -4.62
C PHE B 50 17.99 -4.06 -3.61
N MET B 51 16.70 -3.95 -3.28
CA MET B 51 16.21 -2.82 -2.51
C MET B 51 16.75 -2.81 -1.09
N ARG B 52 17.24 -1.65 -0.67
CA ARG B 52 17.51 -1.36 0.72
C ARG B 52 16.21 -1.11 1.47
N GLU B 53 16.31 -1.09 2.80
CA GLU B 53 15.10 -1.00 3.61
C GLU B 53 14.28 0.25 3.31
N LYS B 54 14.97 1.38 3.06
CA LYS B 54 14.26 2.62 2.78
C LYS B 54 13.44 2.53 1.49
N GLU B 55 14.05 2.00 0.43
CA GLU B 55 13.34 1.82 -0.83
C GLU B 55 12.18 0.84 -0.67
N TYR B 56 12.43 -0.26 0.05
CA TYR B 56 11.40 -1.24 0.38
C TYR B 56 10.19 -0.58 1.05
N LEU B 57 10.45 0.27 2.06
CA LEU B 57 9.36 0.94 2.75
C LEU B 57 8.59 1.87 1.81
N GLN B 58 9.31 2.60 0.95
CA GLN B 58 8.63 3.48 0.00
C GLN B 58 7.71 2.70 -0.92
N VAL B 59 8.20 1.57 -1.43
CA VAL B 59 7.41 0.72 -2.32
C VAL B 59 6.18 0.18 -1.58
N MET B 60 6.40 -0.33 -0.37
CA MET B 60 5.32 -0.96 0.39
C MET B 60 4.19 0.02 0.72
N HIS B 61 4.54 1.23 1.13
CA HIS B 61 3.52 2.14 1.61
C HIS B 61 2.98 3.10 0.56
N PHE B 62 3.77 3.42 -0.48
CA PHE B 62 3.41 4.47 -1.41
C PHE B 62 3.34 4.03 -2.87
N ASP B 63 3.82 2.83 -3.20
CA ASP B 63 3.90 2.32 -4.57
C ASP B 63 4.76 3.23 -5.46
N THR B 64 5.68 3.99 -4.87
CA THR B 64 6.59 4.86 -5.62
C THR B 64 7.93 4.92 -4.91
N LEU B 65 9.00 4.91 -5.69
CA LEU B 65 10.28 5.39 -5.19
C LEU B 65 10.27 6.91 -5.19
N LEU B 66 10.96 7.52 -4.23
CA LEU B 66 10.81 8.93 -3.95
C LEU B 66 12.08 9.76 -4.08
N ASP B 67 13.26 9.17 -3.96
CA ASP B 67 14.43 9.99 -3.66
C ASP B 67 14.93 10.76 -4.88
N ASP B 68 14.86 10.16 -6.08
CA ASP B 68 15.25 10.83 -7.31
C ASP B 68 14.07 11.48 -8.03
N GLY B 69 13.02 11.82 -7.32
CA GLY B 69 11.76 12.16 -7.93
C GLY B 69 10.79 10.98 -7.89
N VAL B 70 9.50 11.29 -7.89
CA VAL B 70 8.47 10.26 -7.75
C VAL B 70 8.41 9.43 -9.03
N ILE B 71 8.72 8.13 -8.93
CA ILE B 71 8.50 7.21 -10.04
C ILE B 71 7.82 5.97 -9.49
N ASN B 72 6.88 5.43 -10.27
CA ASN B 72 6.08 4.31 -9.81
C ASN B 72 6.96 3.08 -9.58
N MET B 73 6.78 2.44 -8.42
CA MET B 73 7.43 1.16 -8.14
C MET B 73 6.61 0.50 -7.04
N SER B 74 5.85 -0.53 -7.40
CA SER B 74 4.82 -1.07 -6.52
C SER B 74 5.14 -2.44 -5.95
N ILE B 75 6.21 -3.09 -6.39
CA ILE B 75 6.55 -4.41 -5.88
C ILE B 75 7.97 -4.38 -5.32
N PRO B 76 8.26 -5.15 -4.27
CA PRO B 76 9.63 -5.21 -3.78
C PRO B 76 10.46 -6.10 -4.68
N ILE B 77 11.69 -5.67 -4.95
CA ILE B 77 12.69 -6.51 -5.58
C ILE B 77 13.80 -6.66 -4.55
N VAL B 78 13.83 -7.80 -3.87
CA VAL B 78 14.66 -8.00 -2.70
C VAL B 78 15.27 -9.40 -2.77
N LEU B 79 16.34 -9.59 -2.03
CA LEU B 79 17.08 -10.86 -2.03
C LEU B 79 17.00 -11.51 -0.66
N PRO B 80 16.22 -12.57 -0.50
CA PRO B 80 16.14 -13.24 0.80
C PRO B 80 17.38 -14.07 1.08
N VAL B 81 17.78 -14.09 2.35
CA VAL B 81 19.02 -14.72 2.80
C VAL B 81 18.72 -15.47 4.10
N SER B 82 19.28 -16.67 4.25
CA SER B 82 19.05 -17.43 5.47
C SER B 82 19.83 -16.81 6.64
N ALA B 83 19.37 -17.11 7.85
CA ALA B 83 20.05 -16.61 9.04
C ALA B 83 21.50 -17.08 9.08
N GLU B 84 21.76 -18.29 8.61
CA GLU B 84 23.13 -18.82 8.60
C GLU B 84 24.01 -18.05 7.63
N ASP B 85 23.52 -17.77 6.42
CA ASP B 85 24.31 -16.97 5.49
C ASP B 85 24.45 -15.53 5.96
N LYS B 86 23.41 -14.98 6.59
CA LYS B 86 23.50 -13.64 7.15
C LYS B 86 24.62 -13.56 8.18
N THR B 87 24.66 -14.54 9.10
CA THR B 87 25.73 -14.57 10.09
C THR B 87 27.08 -14.76 9.43
N ARG B 88 27.15 -15.63 8.41
CA ARG B 88 28.41 -15.87 7.72
C ARG B 88 28.93 -14.60 7.07
N LEU B 89 28.04 -13.79 6.50
CA LEU B 89 28.46 -12.63 5.73
C LEU B 89 28.48 -11.34 6.56
N GLU B 90 28.36 -11.44 7.88
CA GLU B 90 28.45 -10.25 8.73
C GLU B 90 29.77 -9.55 8.50
N GLY B 91 29.73 -8.22 8.43
CA GLY B 91 30.92 -7.43 8.20
C GLY B 91 31.48 -7.50 6.80
N CYS B 92 30.84 -8.23 5.89
CA CYS B 92 31.30 -8.34 4.51
CA CYS B 92 31.30 -8.33 4.50
C CYS B 92 30.46 -7.37 3.67
N SER B 93 31.06 -6.23 3.31
CA SER B 93 30.30 -5.25 2.54
C SER B 93 30.01 -5.74 1.12
N LYS B 94 30.89 -6.56 0.54
CA LYS B 94 30.74 -7.03 -0.83
C LYS B 94 30.94 -8.53 -0.94
N PHE B 95 30.07 -9.18 -1.73
CA PHE B 95 30.20 -10.61 -1.98
C PHE B 95 29.57 -10.92 -3.33
N VAL B 96 29.85 -12.11 -3.85
CA VAL B 96 29.36 -12.50 -5.17
CA VAL B 96 29.38 -12.53 -5.17
C VAL B 96 28.08 -13.29 -5.01
N LEU B 97 27.19 -13.15 -6.00
CA LEU B 97 25.98 -13.94 -6.12
C LEU B 97 26.24 -15.05 -7.13
N ALA B 98 25.84 -16.27 -6.80
CA ALA B 98 26.10 -17.40 -7.67
C ALA B 98 24.86 -18.27 -7.82
N HIS B 99 24.72 -18.85 -9.01
CA HIS B 99 23.63 -19.79 -9.28
C HIS B 99 24.13 -20.87 -10.23
N GLY B 100 23.70 -22.10 -9.98
CA GLY B 100 24.02 -23.21 -10.86
C GLY B 100 25.49 -23.44 -11.08
N GLY B 101 26.32 -23.08 -10.11
CA GLY B 101 27.76 -23.20 -10.24
C GLY B 101 28.45 -22.03 -10.91
N ARG B 102 27.73 -20.95 -11.19
CA ARG B 102 28.27 -19.80 -11.92
C ARG B 102 28.09 -18.53 -11.10
N ARG B 103 29.15 -17.71 -11.05
CA ARG B 103 29.06 -16.39 -10.45
C ARG B 103 28.40 -15.42 -11.43
N VAL B 104 27.37 -14.72 -10.97
CA VAL B 104 26.61 -13.86 -11.86
C VAL B 104 26.72 -12.39 -11.52
N ALA B 105 27.00 -12.03 -10.27
CA ALA B 105 27.00 -10.61 -9.91
C ALA B 105 27.77 -10.41 -8.63
N ILE B 106 28.22 -9.16 -8.43
CA ILE B 106 28.78 -8.71 -7.16
C ILE B 106 27.77 -7.79 -6.50
N LEU B 107 27.46 -8.05 -5.23
CA LEU B 107 26.63 -7.18 -4.43
CA LEU B 107 26.63 -7.18 -4.43
C LEU B 107 27.53 -6.39 -3.51
N ARG B 108 27.51 -5.06 -3.63
CA ARG B 108 28.37 -4.18 -2.85
C ARG B 108 27.57 -3.36 -1.86
N ASP B 109 28.24 -3.01 -0.75
CA ASP B 109 27.68 -2.15 0.30
C ASP B 109 26.38 -2.75 0.86
N ALA B 110 26.43 -4.04 1.18
CA ALA B 110 25.26 -4.80 1.58
C ALA B 110 24.63 -4.22 2.84
N GLU B 111 23.31 -4.34 2.92
CA GLU B 111 22.59 -4.00 4.14
C GLU B 111 21.56 -5.09 4.39
N PHE B 112 21.68 -5.74 5.55
CA PHE B 112 20.76 -6.79 5.95
C PHE B 112 19.67 -6.21 6.83
N TYR B 113 18.43 -6.62 6.56
CA TYR B 113 17.33 -6.19 7.40
C TYR B 113 16.31 -7.31 7.47
N GLU B 114 15.50 -7.28 8.53
CA GLU B 114 14.59 -8.37 8.84
C GLU B 114 13.60 -8.59 7.71
N HIS B 115 13.41 -9.84 7.32
CA HIS B 115 12.40 -10.21 6.33
C HIS B 115 11.10 -10.41 7.08
N ARG B 116 10.24 -9.39 7.09
CA ARG B 116 8.95 -9.45 7.76
CA ARG B 116 8.96 -9.47 7.77
C ARG B 116 7.95 -9.98 6.75
N LYS B 117 7.84 -11.31 6.69
CA LYS B 117 7.16 -11.97 5.59
C LYS B 117 5.65 -11.73 5.61
N GLU B 118 5.02 -11.79 6.79
CA GLU B 118 3.57 -11.61 6.84
C GLU B 118 3.19 -10.21 6.35
N GLU B 119 3.91 -9.19 6.81
CA GLU B 119 3.61 -7.83 6.38
C GLU B 119 3.87 -7.65 4.89
N ARG B 120 4.97 -8.21 4.38
CA ARG B 120 5.28 -8.12 2.96
C ARG B 120 4.15 -8.70 2.12
N CYS B 121 3.74 -9.93 2.42
CA CYS B 121 2.70 -10.56 1.62
C CYS B 121 1.37 -9.85 1.76
N SER B 122 1.04 -9.41 2.99
CA SER B 122 -0.19 -8.67 3.21
C SER B 122 -0.24 -7.42 2.33
N ARG B 123 0.84 -6.64 2.32
CA ARG B 123 0.77 -5.37 1.60
C ARG B 123 0.91 -5.54 0.10
N VAL B 124 1.63 -6.57 -0.37
CA VAL B 124 1.82 -6.74 -1.80
C VAL B 124 0.61 -7.43 -2.43
N TRP B 125 0.14 -8.51 -1.82
CA TRP B 125 -0.93 -9.33 -2.40
C TRP B 125 -2.30 -9.07 -1.79
N GLY B 126 -2.38 -8.40 -0.65
CA GLY B 126 -3.69 -8.29 0.00
C GLY B 126 -4.17 -9.58 0.63
N THR B 127 -3.26 -10.49 0.96
CA THR B 127 -3.56 -11.78 1.58
C THR B 127 -2.24 -12.41 2.00
N THR B 128 -2.31 -13.34 2.96
CA THR B 128 -1.16 -14.18 3.30
C THR B 128 -1.40 -15.64 2.99
N CYS B 129 -2.43 -15.95 2.20
CA CYS B 129 -2.80 -17.34 1.93
C CYS B 129 -1.61 -18.13 1.41
N THR B 130 -1.23 -19.19 2.14
CA THR B 130 -0.07 -20.00 1.77
C THR B 130 -0.32 -20.87 0.54
N LYS B 131 -1.57 -21.04 0.11
CA LYS B 131 -1.84 -21.76 -1.13
C LYS B 131 -1.53 -20.91 -2.36
N HIS B 132 -1.36 -19.62 -2.20
CA HIS B 132 -0.90 -18.80 -3.30
C HIS B 132 0.53 -19.19 -3.62
N PRO B 133 0.84 -19.61 -4.86
CA PRO B 133 2.15 -20.22 -5.11
C PRO B 133 3.31 -19.24 -4.95
N HIS B 134 3.13 -17.97 -5.28
CA HIS B 134 4.23 -17.04 -5.09
C HIS B 134 4.40 -16.69 -3.61
N ILE B 135 3.29 -16.42 -2.92
CA ILE B 135 3.34 -16.22 -1.47
C ILE B 135 4.01 -17.40 -0.80
N LYS B 136 3.67 -18.62 -1.24
CA LYS B 136 4.33 -19.82 -0.75
C LYS B 136 5.85 -19.70 -0.88
N MET B 137 6.33 -19.24 -2.04
CA MET B 137 7.78 -19.09 -2.17
C MET B 137 8.34 -18.02 -1.24
N VAL B 138 7.60 -16.94 -0.98
CA VAL B 138 8.10 -15.94 -0.03
C VAL B 138 8.23 -16.53 1.37
N MET B 139 7.20 -17.26 1.81
CA MET B 139 7.21 -17.79 3.16
C MET B 139 8.33 -18.81 3.38
N GLU B 140 8.69 -19.55 2.35
CA GLU B 140 9.73 -20.56 2.47
C GLU B 140 11.13 -19.97 2.40
N SER B 141 11.27 -18.67 2.11
CA SER B 141 12.58 -18.07 1.90
C SER B 141 13.21 -17.65 3.24
N GLY B 142 14.41 -17.07 3.16
CA GLY B 142 15.18 -16.75 4.35
C GLY B 142 14.56 -15.66 5.21
N ASP B 143 15.02 -15.60 6.47
CA ASP B 143 14.51 -14.65 7.44
C ASP B 143 15.11 -13.26 7.33
N TRP B 144 16.03 -13.04 6.40
CA TRP B 144 16.64 -11.73 6.18
C TRP B 144 16.51 -11.34 4.72
N LEU B 145 16.51 -10.04 4.48
CA LEU B 145 16.68 -9.47 3.14
C LEU B 145 18.01 -8.75 3.11
N VAL B 146 18.68 -8.78 1.96
CA VAL B 146 19.91 -8.01 1.79
C VAL B 146 19.71 -7.06 0.62
N GLY B 147 19.85 -5.77 0.89
CA GLY B 147 19.90 -4.77 -0.16
C GLY B 147 21.33 -4.38 -0.43
N GLY B 148 21.55 -3.80 -1.61
CA GLY B 148 22.87 -3.33 -1.97
C GLY B 148 22.97 -3.06 -3.45
N ASP B 149 24.12 -2.50 -3.84
CA ASP B 149 24.40 -2.19 -5.24
C ASP B 149 24.86 -3.44 -5.98
N LEU B 150 24.31 -3.63 -7.17
CA LEU B 150 24.55 -4.82 -7.96
C LEU B 150 25.38 -4.48 -9.18
N GLN B 151 26.50 -5.19 -9.36
CA GLN B 151 27.26 -5.20 -10.60
C GLN B 151 27.09 -6.57 -11.25
N VAL B 152 26.40 -6.61 -12.38
CA VAL B 152 26.09 -7.87 -13.03
C VAL B 152 27.17 -8.17 -14.07
N LEU B 153 27.78 -9.35 -13.97
CA LEU B 153 28.96 -9.64 -14.78
C LEU B 153 28.63 -9.64 -16.26
N GLU B 154 27.49 -10.21 -16.65
CA GLU B 154 27.09 -10.21 -18.04
C GLU B 154 25.59 -10.47 -18.12
N LYS B 155 25.05 -10.29 -19.33
CA LYS B 155 23.64 -10.55 -19.58
C LYS B 155 23.28 -11.97 -19.15
N ILE B 156 22.15 -12.10 -18.48
CA ILE B 156 21.67 -13.41 -18.03
C ILE B 156 21.00 -14.09 -19.22
N ARG B 157 21.58 -15.20 -19.68
CA ARG B 157 21.00 -16.00 -20.75
C ARG B 157 20.58 -17.37 -20.21
N TRP B 158 19.62 -17.98 -20.90
CA TRP B 158 19.03 -19.22 -20.43
C TRP B 158 19.24 -20.40 -21.37
N ASN B 159 19.79 -20.16 -22.57
CA ASN B 159 20.19 -21.24 -23.47
C ASN B 159 19.04 -22.22 -23.71
N ASP B 160 17.85 -21.66 -23.95
CA ASP B 160 16.65 -22.45 -24.19
C ASP B 160 16.07 -22.22 -25.58
N GLY B 161 16.82 -21.57 -26.46
CA GLY B 161 16.34 -21.25 -27.78
C GLY B 161 15.49 -20.00 -27.85
N LEU B 162 15.34 -19.27 -26.74
CA LEU B 162 14.53 -18.07 -26.70
C LEU B 162 15.32 -16.82 -26.33
N ASP B 163 16.64 -16.92 -26.14
CA ASP B 163 17.40 -15.74 -25.73
C ASP B 163 17.29 -14.63 -26.77
N GLN B 164 17.07 -14.97 -28.03
CA GLN B 164 16.93 -13.98 -29.10
CA GLN B 164 16.99 -13.93 -29.05
C GLN B 164 15.74 -13.05 -28.88
N TYR B 165 14.75 -13.48 -28.11
CA TYR B 165 13.57 -12.67 -27.82
C TYR B 165 13.69 -11.88 -26.52
N ARG B 166 14.68 -12.16 -25.70
CA ARG B 166 14.85 -11.48 -24.42
C ARG B 166 15.57 -10.16 -24.67
N LEU B 167 14.82 -9.19 -25.19
CA LEU B 167 15.39 -7.88 -25.50
CA LEU B 167 15.39 -7.88 -25.50
C LEU B 167 15.42 -7.01 -24.25
N THR B 168 16.46 -6.22 -24.11
CA THR B 168 16.57 -5.27 -23.01
C THR B 168 15.77 -4.01 -23.35
N PRO B 169 15.50 -3.17 -22.35
CA PRO B 169 14.83 -1.89 -22.65
C PRO B 169 15.55 -1.05 -23.69
N LEU B 170 16.90 -0.98 -23.63
CA LEU B 170 17.63 -0.24 -24.63
C LEU B 170 17.46 -0.85 -26.02
N GLU B 171 17.47 -2.19 -26.10
CA GLU B 171 17.28 -2.86 -27.39
C GLU B 171 15.86 -2.64 -27.93
N LEU B 172 14.86 -2.55 -27.04
CA LEU B 172 13.50 -2.30 -27.49
C LEU B 172 13.36 -0.88 -28.02
N LYS B 173 13.97 0.10 -27.33
CA LYS B 173 13.97 1.46 -27.87
C LYS B 173 14.64 1.50 -29.25
N GLN B 174 15.78 0.82 -29.39
CA GLN B 174 16.48 0.84 -30.68
C GLN B 174 15.64 0.18 -31.77
N LYS B 175 15.00 -0.94 -31.46
CA LYS B 175 14.14 -1.61 -32.44
C LYS B 175 12.97 -0.74 -32.85
N CYS B 176 12.33 -0.06 -31.89
CA CYS B 176 11.24 0.84 -32.24
C CYS B 176 11.71 1.96 -33.13
N LYS B 177 12.89 2.53 -32.83
CA LYS B 177 13.46 3.56 -33.68
C LYS B 177 13.71 3.05 -35.09
N GLU B 178 14.20 1.80 -35.22
CA GLU B 178 14.44 1.26 -36.54
C GLU B 178 13.15 1.05 -37.33
N MET B 179 12.04 0.78 -36.64
CA MET B 179 10.74 0.67 -37.29
C MET B 179 10.06 2.01 -37.48
N ASN B 180 10.73 3.11 -37.13
CA ASN B 180 10.20 4.47 -37.28
CA ASN B 180 10.19 4.45 -37.30
C ASN B 180 8.89 4.65 -36.54
N ALA B 181 8.77 4.02 -35.37
CA ALA B 181 7.58 4.20 -34.54
C ALA B 181 7.44 5.65 -34.12
N ASP B 182 6.21 6.18 -34.20
CA ASP B 182 5.92 7.45 -33.55
C ASP B 182 5.01 7.26 -32.34
N ALA B 183 4.66 6.01 -32.03
CA ALA B 183 3.96 5.64 -30.82
C ALA B 183 4.28 4.17 -30.55
N VAL B 184 4.57 3.85 -29.29
CA VAL B 184 4.80 2.47 -28.89
C VAL B 184 3.74 2.12 -27.86
N PHE B 185 2.94 1.10 -28.15
CA PHE B 185 1.91 0.66 -27.21
C PHE B 185 2.15 -0.79 -26.84
N ALA B 186 2.22 -1.06 -25.52
CA ALA B 186 2.64 -2.35 -25.00
C ALA B 186 1.43 -3.18 -24.61
N PHE B 187 1.53 -4.50 -24.82
CA PHE B 187 0.54 -5.45 -24.32
C PHE B 187 1.26 -6.49 -23.48
N GLN B 188 1.15 -6.35 -22.16
CA GLN B 188 1.60 -7.37 -21.23
C GLN B 188 0.64 -8.55 -21.25
N LEU B 189 1.18 -9.76 -21.18
CA LEU B 189 0.33 -10.94 -21.13
C LEU B 189 1.14 -12.10 -20.57
N ARG B 190 0.42 -13.05 -19.98
CA ARG B 190 1.01 -14.30 -19.52
C ARG B 190 0.37 -15.52 -20.15
N ASN B 191 -0.67 -15.34 -20.97
CA ASN B 191 -1.51 -16.41 -21.48
C ASN B 191 -1.44 -16.48 -23.00
N PRO B 192 -1.98 -17.52 -23.64
CA PRO B 192 -2.08 -17.49 -25.10
C PRO B 192 -2.97 -16.35 -25.57
N VAL B 193 -2.68 -15.83 -26.75
CA VAL B 193 -3.42 -14.71 -27.33
C VAL B 193 -4.69 -15.26 -27.98
N HIS B 194 -5.85 -14.93 -27.41
CA HIS B 194 -7.10 -15.18 -28.11
C HIS B 194 -7.61 -13.86 -28.69
N ASN B 195 -8.73 -13.93 -29.41
CA ASN B 195 -9.12 -12.76 -30.18
C ASN B 195 -9.76 -11.67 -29.33
N GLY B 196 -10.00 -11.90 -28.04
CA GLY B 196 -10.31 -10.80 -27.14
C GLY B 196 -9.10 -9.93 -26.84
N HIS B 197 -7.99 -10.59 -26.59
CA HIS B 197 -6.72 -9.91 -26.43
C HIS B 197 -6.43 -9.11 -27.69
N ALA B 198 -6.54 -9.78 -28.83
CA ALA B 198 -6.32 -9.14 -30.12
C ALA B 198 -7.25 -7.97 -30.31
N LEU B 199 -8.49 -8.07 -29.81
CA LEU B 199 -9.43 -6.96 -29.92
C LEU B 199 -8.89 -5.74 -29.18
N LEU B 200 -8.38 -5.95 -27.96
CA LEU B 200 -7.77 -4.82 -27.24
C LEU B 200 -6.63 -4.20 -28.03
N MET B 201 -5.75 -5.03 -28.60
CA MET B 201 -4.60 -4.49 -29.32
C MET B 201 -5.01 -3.77 -30.61
N GLN B 202 -5.94 -4.35 -31.36
CA GLN B 202 -6.38 -3.72 -32.61
C GLN B 202 -7.20 -2.46 -32.36
N ASP B 203 -7.97 -2.43 -31.29
CA ASP B 203 -8.70 -1.21 -30.95
C ASP B 203 -7.74 -0.11 -30.53
N THR B 204 -6.70 -0.47 -29.78
CA THR B 204 -5.69 0.53 -29.42
C THR B 204 -4.99 1.06 -30.67
N ARG B 205 -4.60 0.16 -31.58
CA ARG B 205 -4.00 0.62 -32.83
C ARG B 205 -4.93 1.57 -33.57
N ARG B 206 -6.21 1.21 -33.68
CA ARG B 206 -7.19 2.05 -34.36
C ARG B 206 -7.25 3.44 -33.73
N ARG B 207 -7.31 3.50 -32.40
CA ARG B 207 -7.41 4.80 -31.75
C ARG B 207 -6.15 5.64 -31.92
N LEU B 208 -4.98 4.99 -31.93
CA LEU B 208 -3.74 5.74 -32.15
C LEU B 208 -3.69 6.32 -33.56
N LEU B 209 -4.10 5.53 -34.57
CA LEU B 209 -4.17 6.08 -35.92
C LEU B 209 -5.14 7.25 -35.99
N GLU B 210 -6.30 7.14 -35.34
CA GLU B 210 -7.25 8.25 -35.40
C GLU B 210 -6.74 9.51 -34.71
N ARG B 211 -5.86 9.35 -33.71
CA ARG B 211 -5.23 10.53 -33.13
C ARG B 211 -4.23 11.20 -34.07
N GLY B 212 -3.78 10.52 -35.11
CA GLY B 212 -2.84 11.10 -36.04
C GLY B 212 -1.46 10.49 -36.03
N TYR B 213 -1.21 9.48 -35.20
CA TYR B 213 0.04 8.74 -35.31
C TYR B 213 0.04 7.96 -36.61
N LYS B 214 1.20 7.91 -37.26
CA LYS B 214 1.30 7.23 -38.54
C LYS B 214 1.95 5.86 -38.44
N HIS B 215 2.77 5.61 -37.42
CA HIS B 215 3.47 4.33 -37.29
C HIS B 215 3.44 3.86 -35.84
N PRO B 216 2.25 3.59 -35.30
CA PRO B 216 2.20 2.97 -33.96
C PRO B 216 2.71 1.55 -34.03
N VAL B 217 3.56 1.18 -33.07
CA VAL B 217 4.17 -0.14 -33.04
C VAL B 217 3.71 -0.87 -31.79
N LEU B 218 3.18 -2.07 -31.97
CA LEU B 218 2.75 -2.91 -30.87
C LEU B 218 3.92 -3.67 -30.27
N LEU B 219 4.10 -3.55 -28.96
CA LEU B 219 5.03 -4.38 -28.21
C LEU B 219 4.21 -5.50 -27.60
N LEU B 220 4.17 -6.63 -28.29
CA LEU B 220 3.58 -7.84 -27.74
C LEU B 220 4.62 -8.49 -26.85
N HIS B 221 4.40 -8.48 -25.54
CA HIS B 221 5.47 -8.66 -24.55
C HIS B 221 5.11 -9.72 -23.54
N PRO B 222 5.10 -11.00 -23.95
CA PRO B 222 4.79 -12.08 -23.00
C PRO B 222 5.79 -12.13 -21.86
N LEU B 223 5.26 -12.30 -20.64
CA LEU B 223 6.12 -12.45 -19.47
C LEU B 223 6.76 -13.83 -19.46
N GLY B 224 8.05 -13.87 -19.12
CA GLY B 224 8.81 -15.10 -19.24
C GLY B 224 9.53 -15.58 -18.00
N GLY B 225 9.48 -14.82 -16.90
CA GLY B 225 10.00 -15.32 -15.65
C GLY B 225 9.07 -16.36 -15.05
N TRP B 226 9.32 -16.68 -13.78
CA TRP B 226 8.54 -17.70 -13.07
C TRP B 226 7.05 -17.50 -13.26
N THR B 227 6.34 -18.58 -13.56
CA THR B 227 4.89 -18.62 -13.56
C THR B 227 4.45 -19.90 -12.86
N LYS B 228 3.17 -19.96 -12.48
CA LYS B 228 2.71 -21.05 -11.63
C LYS B 228 2.55 -22.34 -12.44
N ASP B 229 2.38 -23.44 -11.70
CA ASP B 229 2.58 -24.78 -12.26
C ASP B 229 1.64 -25.13 -13.40
N ASP B 230 0.41 -24.63 -13.40
CA ASP B 230 -0.53 -25.11 -14.39
C ASP B 230 -0.52 -24.35 -15.71
N ASP B 231 0.08 -23.17 -15.77
CA ASP B 231 -0.01 -22.31 -16.95
C ASP B 231 0.68 -22.95 -18.16
N VAL B 232 0.38 -22.43 -19.34
CA VAL B 232 1.05 -22.89 -20.56
C VAL B 232 2.50 -22.39 -20.53
N PRO B 233 3.49 -23.26 -20.76
CA PRO B 233 4.89 -22.83 -20.66
C PRO B 233 5.24 -21.78 -21.70
N LEU B 234 6.30 -21.02 -21.40
CA LEU B 234 6.73 -19.91 -22.23
C LEU B 234 6.98 -20.35 -23.69
N ASP B 235 7.68 -21.47 -23.89
CA ASP B 235 8.04 -21.83 -25.26
C ASP B 235 6.79 -22.13 -26.10
N TRP B 236 5.80 -22.79 -25.52
CA TRP B 236 4.56 -23.04 -26.24
C TRP B 236 3.79 -21.75 -26.47
N ARG B 237 3.81 -20.83 -25.49
CA ARG B 237 3.14 -19.55 -25.68
C ARG B 237 3.79 -18.76 -26.81
N MET B 238 5.12 -18.83 -26.94
CA MET B 238 5.78 -18.14 -28.03
C MET B 238 5.39 -18.74 -29.38
N LYS B 239 5.30 -20.07 -29.46
CA LYS B 239 4.83 -20.65 -30.72
C LYS B 239 3.39 -20.22 -31.04
N GLN B 240 2.55 -20.15 -30.00
CA GLN B 240 1.16 -19.72 -30.21
C GLN B 240 1.08 -18.28 -30.69
N HIS B 241 1.89 -17.39 -30.10
CA HIS B 241 1.92 -16.00 -30.55
C HIS B 241 2.40 -15.88 -31.98
N ALA B 242 3.46 -16.62 -32.33
CA ALA B 242 3.93 -16.62 -33.71
C ALA B 242 2.83 -17.06 -34.67
N ALA B 243 2.00 -18.02 -34.25
CA ALA B 243 0.91 -18.47 -35.12
C ALA B 243 -0.15 -17.37 -35.26
N VAL B 244 -0.44 -16.64 -34.18
CA VAL B 244 -1.37 -15.51 -34.31
C VAL B 244 -0.86 -14.51 -35.34
N LEU B 245 0.44 -14.20 -35.29
CA LEU B 245 0.99 -13.23 -36.24
CA LEU B 245 0.98 -13.24 -36.25
C LEU B 245 1.00 -13.79 -37.67
N GLU B 246 1.28 -15.09 -37.82
CA GLU B 246 1.29 -15.70 -39.15
C GLU B 246 -0.10 -15.67 -39.77
N GLU B 247 -1.14 -15.84 -38.96
CA GLU B 247 -2.52 -15.76 -39.42
C GLU B 247 -2.98 -14.33 -39.70
N GLY B 248 -2.19 -13.33 -39.34
CA GLY B 248 -2.56 -11.96 -39.60
C GLY B 248 -3.52 -11.34 -38.62
N VAL B 249 -3.84 -12.04 -37.51
CA VAL B 249 -4.68 -11.45 -36.48
C VAL B 249 -4.00 -10.19 -35.91
N LEU B 250 -2.69 -10.24 -35.73
CA LEU B 250 -1.86 -9.07 -35.51
C LEU B 250 -0.87 -8.96 -36.66
N ASP B 251 -0.49 -7.73 -37.00
CA ASP B 251 0.36 -7.48 -38.17
C ASP B 251 1.83 -7.61 -37.78
N PRO B 252 2.56 -8.59 -38.31
CA PRO B 252 4.00 -8.71 -37.94
C PRO B 252 4.81 -7.49 -38.33
N LYS B 253 4.39 -6.75 -39.35
CA LYS B 253 5.17 -5.60 -39.81
C LYS B 253 5.15 -4.45 -38.82
N SER B 254 4.14 -4.35 -37.96
CA SER B 254 4.03 -3.27 -37.00
C SER B 254 4.05 -3.78 -35.56
N THR B 255 4.63 -4.96 -35.34
CA THR B 255 4.65 -5.60 -34.04
C THR B 255 6.07 -6.04 -33.70
N ILE B 256 6.46 -5.84 -32.45
CA ILE B 256 7.66 -6.45 -31.88
C ILE B 256 7.21 -7.51 -30.88
N VAL B 257 7.72 -8.73 -31.04
CA VAL B 257 7.50 -9.79 -30.05
C VAL B 257 8.78 -9.95 -29.25
N ALA B 258 8.69 -9.75 -27.93
CA ALA B 258 9.84 -9.91 -27.06
C ALA B 258 9.36 -10.54 -25.75
N ILE B 259 10.32 -11.03 -24.96
CA ILE B 259 10.01 -11.71 -23.71
C ILE B 259 10.38 -10.79 -22.56
N PHE B 260 9.41 -10.51 -21.69
CA PHE B 260 9.64 -9.73 -20.48
C PHE B 260 10.17 -10.66 -19.39
N PRO B 261 11.34 -10.40 -18.80
CA PRO B 261 12.00 -11.42 -17.97
C PRO B 261 11.51 -11.51 -16.54
N SER B 262 10.54 -10.72 -16.12
CA SER B 262 10.19 -10.68 -14.70
C SER B 262 9.46 -11.95 -14.28
N PRO B 263 9.70 -12.44 -13.07
CA PRO B 263 8.77 -13.39 -12.45
C PRO B 263 7.37 -12.79 -12.36
N MET B 264 6.38 -13.66 -12.43
CA MET B 264 4.98 -13.30 -12.22
C MET B 264 4.61 -13.44 -10.75
N LEU B 265 4.03 -12.38 -10.17
CA LEU B 265 3.59 -12.44 -8.78
C LEU B 265 2.15 -12.90 -8.62
N TYR B 266 1.29 -12.65 -9.62
CA TYR B 266 -0.16 -12.79 -9.50
C TYR B 266 -0.68 -11.94 -8.33
N ALA B 267 -0.39 -10.63 -8.41
CA ALA B 267 -0.75 -9.69 -7.36
C ALA B 267 -1.68 -8.58 -7.87
N GLY B 268 -2.34 -8.81 -9.01
CA GLY B 268 -3.44 -7.97 -9.45
C GLY B 268 -3.11 -6.49 -9.55
N PRO B 269 -3.93 -5.65 -8.91
CA PRO B 269 -3.76 -4.19 -9.06
C PRO B 269 -2.43 -3.66 -8.53
N THR B 270 -1.79 -4.38 -7.60
CA THR B 270 -0.43 -3.99 -7.22
C THR B 270 0.56 -4.32 -8.32
N GLU B 271 0.46 -5.54 -8.88
CA GLU B 271 1.42 -5.99 -9.88
C GLU B 271 1.25 -5.26 -11.22
N VAL B 272 0.04 -4.86 -11.57
CA VAL B 272 -0.16 -4.29 -12.91
C VAL B 272 0.60 -2.98 -13.04
N GLN B 273 0.82 -2.29 -11.92
CA GLN B 273 1.64 -1.08 -11.96
C GLN B 273 3.09 -1.42 -12.32
N TRP B 274 3.59 -2.56 -11.84
CA TRP B 274 4.95 -2.98 -12.20
C TRP B 274 5.01 -3.39 -13.67
N HIS B 275 3.99 -4.13 -14.13
CA HIS B 275 3.92 -4.48 -15.55
C HIS B 275 3.93 -3.24 -16.42
N CYS B 276 3.27 -2.17 -15.97
CA CYS B 276 3.21 -0.93 -16.74
C CYS B 276 4.51 -0.14 -16.65
N ARG B 277 5.02 0.09 -15.43
CA ARG B 277 6.20 0.94 -15.28
C ARG B 277 7.40 0.35 -15.99
N SER B 278 7.52 -0.98 -15.99
CA SER B 278 8.66 -1.59 -16.67
C SER B 278 8.59 -1.37 -18.17
N ARG B 279 7.40 -1.44 -18.74
CA ARG B 279 7.23 -1.14 -20.17
C ARG B 279 7.47 0.33 -20.44
N MET B 280 7.04 1.21 -19.53
CA MET B 280 7.36 2.63 -19.64
C MET B 280 8.86 2.84 -19.76
N ILE B 281 9.65 2.14 -18.94
CA ILE B 281 11.10 2.28 -19.02
C ILE B 281 11.59 1.90 -20.40
N ALA B 282 11.00 0.86 -20.99
CA ALA B 282 11.42 0.39 -22.31
C ALA B 282 10.87 1.24 -23.45
N GLY B 283 10.25 2.37 -23.14
CA GLY B 283 9.84 3.32 -24.16
C GLY B 283 8.39 3.25 -24.62
N ALA B 284 7.56 2.44 -23.97
CA ALA B 284 6.14 2.43 -24.33
C ALA B 284 5.49 3.75 -23.89
N ASN B 285 4.83 4.43 -24.85
CA ASN B 285 4.06 5.63 -24.55
C ASN B 285 2.63 5.33 -24.17
N PHE B 286 2.16 4.13 -24.49
CA PHE B 286 0.79 3.74 -24.23
C PHE B 286 0.81 2.33 -23.66
N TYR B 287 -0.08 2.05 -22.73
CA TYR B 287 -0.10 0.75 -22.05
C TYR B 287 -1.53 0.26 -21.94
N ILE B 288 -1.79 -0.93 -22.50
CA ILE B 288 -3.13 -1.51 -22.51
C ILE B 288 -3.37 -2.25 -21.21
N VAL B 289 -4.54 -2.03 -20.61
CA VAL B 289 -4.95 -2.82 -19.45
C VAL B 289 -6.41 -3.22 -19.65
N GLY B 290 -6.71 -4.49 -19.37
CA GLY B 290 -8.07 -4.98 -19.47
C GLY B 290 -8.67 -5.32 -18.13
N ARG B 291 -9.47 -6.37 -18.09
CA ARG B 291 -10.13 -6.78 -16.85
C ARG B 291 -9.27 -7.79 -16.11
N ASP B 292 -9.32 -7.70 -14.78
CA ASP B 292 -8.59 -8.60 -13.89
C ASP B 292 -7.13 -8.83 -14.30
N PRO B 293 -6.39 -7.75 -14.58
CA PRO B 293 -4.97 -7.94 -14.95
C PRO B 293 -4.20 -8.53 -13.77
N ALA B 294 -3.32 -9.47 -14.08
CA ALA B 294 -2.42 -10.08 -13.10
C ALA B 294 -3.17 -10.78 -11.96
N GLY B 295 -4.41 -11.20 -12.21
CA GLY B 295 -5.21 -11.85 -11.20
C GLY B 295 -5.16 -13.37 -11.26
N MET B 296 -5.83 -14.00 -10.30
CA MET B 296 -6.01 -15.44 -10.29
C MET B 296 -7.11 -15.77 -9.28
N PRO B 297 -7.69 -16.96 -9.37
CA PRO B 297 -8.69 -17.34 -8.35
C PRO B 297 -8.06 -17.48 -6.99
N HIS B 298 -8.76 -17.00 -5.98
CA HIS B 298 -8.34 -17.26 -4.61
C HIS B 298 -8.24 -18.77 -4.40
N PRO B 299 -7.09 -19.27 -3.93
CA PRO B 299 -6.93 -20.74 -3.87
C PRO B 299 -7.86 -21.39 -2.86
N GLU B 300 -8.19 -20.68 -1.77
CA GLU B 300 -9.14 -21.19 -0.80
C GLU B 300 -10.58 -21.08 -1.31
N THR B 301 -11.06 -19.85 -1.48
CA THR B 301 -12.47 -19.61 -1.79
C THR B 301 -12.82 -19.78 -3.26
N LYS B 302 -11.81 -19.86 -4.15
CA LYS B 302 -12.01 -20.00 -5.59
C LYS B 302 -12.70 -18.80 -6.23
N LYS B 303 -13.05 -17.80 -5.45
CA LYS B 303 -13.51 -16.53 -6.02
C LYS B 303 -12.31 -15.77 -6.57
N ASP B 304 -12.60 -14.71 -7.34
CA ASP B 304 -11.53 -13.83 -7.81
C ASP B 304 -10.75 -13.29 -6.62
N LEU B 305 -9.43 -13.44 -6.65
CA LEU B 305 -8.60 -12.88 -5.59
C LEU B 305 -8.72 -11.36 -5.54
N TYR B 306 -8.88 -10.72 -6.69
CA TYR B 306 -9.04 -9.27 -6.77
C TYR B 306 -10.33 -8.93 -7.49
N GLU B 307 -10.88 -7.78 -7.14
CA GLU B 307 -12.00 -7.21 -7.88
C GLU B 307 -11.55 -6.97 -9.32
N PRO B 308 -12.24 -7.53 -10.32
CA PRO B 308 -11.69 -7.48 -11.69
C PRO B 308 -11.61 -6.08 -12.30
N THR B 309 -12.30 -5.08 -11.76
CA THR B 309 -12.16 -3.74 -12.29
C THR B 309 -11.03 -2.95 -11.65
N HIS B 310 -10.47 -3.44 -10.54
CA HIS B 310 -9.54 -2.62 -9.76
C HIS B 310 -8.23 -2.37 -10.52
N GLY B 311 -7.73 -3.35 -11.27
CA GLY B 311 -6.46 -3.16 -11.95
C GLY B 311 -6.45 -1.93 -12.84
N GLY B 312 -7.46 -1.81 -13.70
CA GLY B 312 -7.54 -0.66 -14.59
C GLY B 312 -7.77 0.65 -13.85
N LYS B 313 -8.65 0.66 -12.85
CA LYS B 313 -8.93 1.88 -12.10
C LYS B 313 -7.68 2.38 -11.38
N VAL B 314 -6.99 1.47 -10.69
CA VAL B 314 -5.77 1.82 -9.98
C VAL B 314 -4.71 2.32 -10.95
N LEU B 315 -4.49 1.58 -12.04
CA LEU B 315 -3.44 1.95 -12.98
C LEU B 315 -3.73 3.30 -13.64
N SER B 316 -4.98 3.53 -14.06
CA SER B 316 -5.34 4.82 -14.63
C SER B 316 -5.09 5.94 -13.64
N MET B 317 -5.14 5.63 -12.35
CA MET B 317 -4.96 6.58 -11.26
C MET B 317 -3.51 6.74 -10.80
N ALA B 318 -2.65 5.77 -11.07
CA ALA B 318 -1.44 5.60 -10.28
C ALA B 318 -0.45 6.74 -10.51
N PRO B 319 0.23 7.20 -9.46
CA PRO B 319 1.28 8.21 -9.62
C PRO B 319 2.57 7.63 -10.19
N GLY B 320 3.45 8.52 -10.62
CA GLY B 320 4.77 8.13 -11.09
C GLY B 320 4.79 7.46 -12.45
N LEU B 321 3.77 7.68 -13.27
CA LEU B 321 3.66 7.07 -14.59
C LEU B 321 3.41 8.15 -15.63
N THR B 322 4.11 9.28 -15.53
CA THR B 322 3.75 10.45 -16.32
C THR B 322 4.15 10.34 -17.78
N SER B 323 5.09 9.47 -18.15
CA SER B 323 5.48 9.33 -19.53
C SER B 323 4.76 8.18 -20.25
N VAL B 324 3.70 7.63 -19.67
CA VAL B 324 2.93 6.59 -20.34
C VAL B 324 1.44 6.88 -20.14
N GLU B 325 0.65 6.72 -21.21
CA GLU B 325 -0.79 6.88 -21.14
C GLU B 325 -1.45 5.52 -21.02
N ILE B 326 -2.30 5.37 -20.00
CA ILE B 326 -3.03 4.14 -19.79
C ILE B 326 -4.24 4.09 -20.72
N ILE B 327 -4.39 2.99 -21.44
CA ILE B 327 -5.58 2.73 -22.26
C ILE B 327 -6.38 1.61 -21.61
N PRO B 328 -7.39 1.90 -20.81
CA PRO B 328 -8.12 0.84 -20.11
C PRO B 328 -9.28 0.28 -20.92
N PHE B 329 -9.54 -1.01 -20.72
CA PHE B 329 -10.63 -1.68 -21.41
C PHE B 329 -11.46 -2.46 -20.41
N ARG B 330 -12.71 -2.70 -20.79
CA ARG B 330 -13.58 -3.56 -20.02
C ARG B 330 -13.64 -4.92 -20.70
N VAL B 331 -14.51 -5.81 -20.21
CA VAL B 331 -14.42 -7.21 -20.57
C VAL B 331 -14.73 -7.41 -22.04
N ALA B 332 -13.86 -8.16 -22.72
CA ALA B 332 -14.16 -8.70 -24.04
C ALA B 332 -14.75 -10.10 -23.89
N ALA B 333 -15.79 -10.39 -24.67
CA ALA B 333 -16.45 -11.69 -24.60
C ALA B 333 -16.95 -12.09 -25.98
N TYR B 334 -17.36 -13.34 -26.11
CA TYR B 334 -17.77 -13.89 -27.40
C TYR B 334 -19.19 -13.42 -27.76
N ASN B 335 -19.31 -12.70 -28.87
CA ASN B 335 -20.61 -12.24 -29.36
C ASN B 335 -21.18 -13.34 -30.27
N LYS B 336 -22.25 -13.99 -29.81
CA LYS B 336 -22.79 -15.15 -30.51
C LYS B 336 -23.32 -14.78 -31.89
N ALA B 337 -24.03 -13.65 -32.00
CA ALA B 337 -24.60 -13.26 -33.29
C ALA B 337 -23.50 -12.91 -34.29
N LYS B 338 -22.51 -12.12 -33.86
CA LYS B 338 -21.44 -11.72 -34.75
C LYS B 338 -20.44 -12.85 -35.00
N LYS B 339 -20.44 -13.89 -34.17
CA LYS B 339 -19.38 -14.90 -34.17
C LYS B 339 -18.00 -14.23 -34.12
N ALA B 340 -17.83 -13.35 -33.15
CA ALA B 340 -16.60 -12.60 -33.02
C ALA B 340 -16.46 -12.17 -31.56
N MET B 341 -15.22 -11.98 -31.14
CA MET B 341 -14.99 -11.37 -29.85
C MET B 341 -15.37 -9.90 -29.91
N ASP B 342 -15.95 -9.40 -28.82
CA ASP B 342 -16.55 -8.08 -28.81
C ASP B 342 -16.54 -7.59 -27.36
N PHE B 343 -16.76 -6.30 -27.17
CA PHE B 343 -16.85 -5.75 -25.82
C PHE B 343 -18.23 -6.07 -25.24
N TYR B 344 -18.23 -6.66 -24.05
CA TYR B 344 -19.47 -7.06 -23.40
C TYR B 344 -20.29 -5.83 -23.02
N ASP B 345 -21.60 -5.95 -23.18
CA ASP B 345 -22.54 -4.88 -22.83
C ASP B 345 -23.61 -5.50 -21.94
N PRO B 346 -23.67 -5.15 -20.65
CA PRO B 346 -24.71 -5.74 -19.78
C PRO B 346 -26.10 -5.55 -20.35
N ALA B 347 -26.33 -4.39 -20.98
CA ALA B 347 -27.57 -4.10 -21.67
C ALA B 347 -27.94 -5.16 -22.71
N ARG B 348 -27.00 -5.99 -23.14
CA ARG B 348 -27.26 -7.05 -24.10
C ARG B 348 -26.68 -8.37 -23.60
N HIS B 349 -26.90 -8.65 -22.32
CA HIS B 349 -26.32 -9.83 -21.68
C HIS B 349 -26.53 -11.12 -22.48
N ASN B 350 -27.68 -11.25 -23.14
CA ASN B 350 -28.01 -12.51 -23.80
C ASN B 350 -27.21 -12.73 -25.08
N GLU B 351 -26.58 -11.69 -25.62
CA GLU B 351 -25.84 -11.84 -26.86
C GLU B 351 -24.43 -12.40 -26.68
N PHE B 352 -23.93 -12.50 -25.45
CA PHE B 352 -22.54 -12.82 -25.19
C PHE B 352 -22.39 -14.11 -24.41
N ASP B 353 -21.26 -14.80 -24.66
CA ASP B 353 -20.74 -15.83 -23.77
C ASP B 353 -19.41 -15.34 -23.22
N PHE B 354 -19.22 -15.46 -21.91
CA PHE B 354 -17.95 -15.10 -21.32
C PHE B 354 -16.94 -16.22 -21.52
N ILE B 355 -15.67 -15.84 -21.59
CA ILE B 355 -14.58 -16.76 -21.86
C ILE B 355 -14.10 -17.36 -20.54
N SER B 356 -14.26 -18.67 -20.38
CA SER B 356 -13.79 -19.37 -19.20
C SER B 356 -12.49 -20.06 -19.51
N GLY B 357 -11.43 -19.72 -18.77
CA GLY B 357 -10.17 -20.41 -18.94
C GLY B 357 -10.29 -21.91 -18.74
N THR B 358 -11.08 -22.32 -17.76
CA THR B 358 -11.29 -23.74 -17.49
C THR B 358 -11.93 -24.44 -18.69
N ARG B 359 -13.00 -23.86 -19.24
CA ARG B 359 -13.68 -24.49 -20.37
C ARG B 359 -12.80 -24.50 -21.61
N MET B 360 -12.07 -23.40 -21.85
CA MET B 360 -11.15 -23.37 -22.97
CA MET B 360 -11.10 -23.32 -22.94
C MET B 360 -10.06 -24.43 -22.83
N ARG B 361 -9.56 -24.64 -21.60
CA ARG B 361 -8.56 -25.68 -21.40
C ARG B 361 -9.13 -27.07 -21.64
N LYS B 362 -10.39 -27.30 -21.23
CA LYS B 362 -11.01 -28.59 -21.51
C LYS B 362 -11.13 -28.84 -23.02
N LEU B 363 -11.59 -27.83 -23.75
CA LEU B 363 -11.65 -27.92 -25.21
C LEU B 363 -10.29 -28.27 -25.80
N ALA B 364 -9.24 -27.53 -25.41
CA ALA B 364 -7.92 -27.77 -25.98
C ALA B 364 -7.40 -29.16 -25.62
N ARG B 365 -7.67 -29.61 -24.39
CA ARG B 365 -7.26 -30.96 -23.99
C ARG B 365 -7.93 -32.02 -24.84
N GLU B 366 -9.19 -31.81 -25.19
CA GLU B 366 -9.91 -32.80 -25.98
C GLU B 366 -9.77 -32.58 -27.48
N GLY B 367 -9.06 -31.54 -27.89
CA GLY B 367 -8.91 -31.23 -29.30
C GLY B 367 -10.14 -30.65 -29.97
N GLU B 368 -11.13 -30.23 -29.21
CA GLU B 368 -12.33 -29.63 -29.79
C GLU B 368 -12.05 -28.19 -30.19
N ASN B 369 -12.62 -27.77 -31.32
CA ASN B 369 -12.45 -26.40 -31.76
C ASN B 369 -13.29 -25.46 -30.89
N PRO B 370 -12.78 -24.27 -30.59
CA PRO B 370 -13.58 -23.27 -29.89
C PRO B 370 -14.57 -22.64 -30.86
N PRO B 371 -15.49 -21.79 -30.39
CA PRO B 371 -16.42 -21.13 -31.32
C PRO B 371 -15.66 -20.33 -32.37
N ASP B 372 -16.21 -20.31 -33.58
CA ASP B 372 -15.60 -19.58 -34.69
C ASP B 372 -15.33 -18.13 -34.29
N GLY B 373 -14.09 -17.69 -34.48
CA GLY B 373 -13.68 -16.34 -34.16
C GLY B 373 -13.02 -16.19 -32.80
N PHE B 374 -12.97 -17.24 -31.98
CA PHE B 374 -12.36 -17.09 -30.66
C PHE B 374 -10.84 -17.02 -30.74
N MET B 375 -10.22 -17.87 -31.56
CA MET B 375 -8.77 -17.87 -31.72
C MET B 375 -8.45 -18.29 -33.14
N ALA B 376 -7.40 -17.71 -33.72
CA ALA B 376 -6.95 -18.11 -35.04
C ALA B 376 -6.66 -19.61 -35.06
N PRO B 377 -7.11 -20.35 -36.09
CA PRO B 377 -7.00 -21.83 -36.02
C PRO B 377 -5.59 -22.37 -35.88
N LYS B 378 -4.58 -21.77 -36.51
CA LYS B 378 -3.22 -22.29 -36.35
C LYS B 378 -2.69 -22.08 -34.92
N ALA B 379 -3.11 -21.01 -34.26
CA ALA B 379 -2.72 -20.79 -32.86
C ALA B 379 -3.43 -21.77 -31.93
N TRP B 380 -4.72 -22.01 -32.17
CA TRP B 380 -5.42 -23.04 -31.41
C TRP B 380 -4.77 -24.40 -31.62
N LYS B 381 -4.30 -24.65 -32.85
CA LYS B 381 -3.58 -25.89 -33.13
C LYS B 381 -2.33 -25.99 -32.28
N VAL B 382 -1.63 -24.86 -32.09
CA VAL B 382 -0.50 -24.87 -31.16
C VAL B 382 -0.95 -25.36 -29.77
N LEU B 383 -2.12 -24.89 -29.31
CA LEU B 383 -2.54 -25.29 -27.96
C LEU B 383 -2.96 -26.76 -27.89
N THR B 384 -3.72 -27.26 -28.88
CA THR B 384 -4.08 -28.68 -28.84
C THR B 384 -2.85 -29.57 -28.96
N ASP B 385 -1.87 -29.15 -29.76
CA ASP B 385 -0.58 -29.85 -29.80
C ASP B 385 0.08 -29.87 -28.42
N TYR B 386 0.10 -28.72 -27.74
CA TYR B 386 0.68 -28.67 -26.40
C TYR B 386 0.03 -29.69 -25.49
N TYR B 387 -1.30 -29.71 -25.43
CA TYR B 387 -1.93 -30.65 -24.50
C TYR B 387 -1.71 -32.09 -24.91
N ARG B 388 -1.59 -32.36 -26.22
CA ARG B 388 -1.25 -33.72 -26.64
C ARG B 388 0.16 -34.11 -26.20
N SER B 389 1.09 -33.14 -26.15
CA SER B 389 2.45 -33.46 -25.74
C SER B 389 2.53 -33.92 -24.29
N LEU B 390 1.53 -33.60 -23.46
CA LEU B 390 1.54 -33.95 -22.05
C LEU B 390 1.03 -35.35 -21.77
N GLU B 391 0.50 -36.05 -22.77
CA GLU B 391 -0.03 -37.40 -22.55
C GLU B 391 1.08 -38.43 -22.47
#